data_4DVJ
#
_entry.id   4DVJ
#
_cell.length_a   185.312
_cell.length_b   42.239
_cell.length_c   111.265
_cell.angle_alpha   90.00
_cell.angle_beta   122.39
_cell.angle_gamma   90.00
#
_symmetry.space_group_name_H-M   'C 1 2 1'
#
loop_
_entity.id
_entity.type
_entity.pdbx_description
1 polymer 'Putative zinc-dependent alcohol dehydrogenase protein'
2 water water
#
_entity_poly.entity_id   1
_entity_poly.type   'polypeptide(L)'
_entity_poly.pdbx_seq_one_letter_code
;(MSE)HHHHHHSSGVDLGTENLYFQS(MSE)KAVGYNKPAPITDDASLLDIELPKPAPAGHDILVEVKAVSVNPVDYKVR
RSTPPDGTDWKVIGYDAAGIVSAVGPDVTLFRPGDEVFYAGSIIRPGTNAEFHLVDERIVGRKPKTLDWAEAAALPLTSI
TAWEAFFDRLDVNKPVPGAAPAILIVGGAGGVGSIAVQIARQRTDLTVIATASRPETQEWVKSLGAHHVIDHSKPLAAEV
AALGLGAPAFVFSTTHTDKHAAEIADLIAPQGRFCLIDDPSAFDI(MSE)LFKRKAVSIHHEL(MSE)FTRP(MSE)FGT
PD(MSE)SEQGRLLNDVSRLVDEGRLRTTLTNRLSPINAANLKQAHALVESGTARGKVVIEGFGLQR
;
_entity_poly.pdbx_strand_id   A,B
#
# COMPACT_ATOMS: atom_id res chain seq x y z
N TYR A 19 41.87 -4.81 -33.15
CA TYR A 19 41.55 -5.51 -31.82
C TYR A 19 40.58 -4.68 -30.88
N PHE A 20 39.98 -5.30 -29.83
CA PHE A 20 39.15 -4.55 -28.83
C PHE A 20 39.90 -4.25 -27.50
N GLN A 21 39.88 -2.99 -27.05
CA GLN A 21 40.33 -2.72 -25.67
C GLN A 21 39.53 -3.59 -24.66
N SER A 22 40.17 -4.04 -23.60
CA SER A 22 39.57 -5.08 -22.77
C SER A 22 39.71 -4.79 -21.27
N MSE A 23 39.04 -5.57 -20.42
CA MSE A 23 39.01 -5.32 -18.97
C MSE A 23 38.70 -6.60 -18.26
O MSE A 23 38.07 -7.48 -18.81
CB MSE A 23 37.94 -4.25 -18.64
CG MSE A 23 36.50 -4.83 -18.80
SE MSE A 23 35.18 -3.43 -18.48
CE MSE A 23 33.54 -4.50 -18.95
N LYS A 24 39.17 -6.73 -17.03
CA LYS A 24 38.77 -7.83 -16.15
C LYS A 24 37.31 -7.67 -15.65
N ALA A 25 36.61 -8.76 -15.51
CA ALA A 25 35.29 -8.67 -14.88
C ALA A 25 35.09 -9.93 -14.12
N VAL A 26 34.05 -9.96 -13.30
CA VAL A 26 33.64 -11.23 -12.74
C VAL A 26 32.18 -11.50 -13.18
N GLY A 27 31.88 -12.72 -13.63
CA GLY A 27 30.53 -13.01 -14.13
C GLY A 27 30.23 -14.48 -14.18
N TYR A 28 29.10 -14.85 -14.80
CA TYR A 28 28.72 -16.26 -14.85
C TYR A 28 27.89 -16.47 -16.10
N ASN A 29 27.78 -17.75 -16.51
CA ASN A 29 26.90 -18.11 -17.61
C ASN A 29 25.81 -19.14 -17.23
N LYS A 30 25.88 -19.66 -16.01
CA LYS A 30 24.87 -20.58 -15.49
C LYS A 30 24.46 -20.17 -14.07
N PRO A 31 23.18 -19.78 -13.85
CA PRO A 31 22.73 -19.50 -12.48
C PRO A 31 22.98 -20.73 -11.63
N ALA A 32 23.55 -20.53 -10.43
CA ALA A 32 23.90 -21.65 -9.50
C ALA A 32 24.00 -21.25 -7.98
N PRO A 33 24.01 -22.23 -7.11
CA PRO A 33 24.36 -22.07 -5.70
C PRO A 33 25.76 -21.62 -5.58
N ILE A 34 26.12 -20.91 -4.52
CA ILE A 34 27.44 -20.22 -4.46
C ILE A 34 28.71 -21.11 -4.45
N THR A 35 28.53 -22.39 -4.23
CA THR A 35 29.56 -23.45 -4.36
C THR A 35 30.16 -23.80 -5.77
N ASP A 36 29.36 -23.84 -6.79
CA ASP A 36 29.93 -24.37 -8.04
C ASP A 36 31.19 -23.60 -8.46
N ASP A 37 32.18 -24.34 -8.93
CA ASP A 37 33.42 -23.71 -9.32
C ASP A 37 33.06 -22.62 -10.34
N ALA A 38 31.99 -22.86 -11.08
CA ALA A 38 31.53 -21.88 -12.01
C ALA A 38 30.54 -20.84 -11.42
N SER A 39 30.16 -20.88 -10.14
CA SER A 39 29.15 -19.93 -9.63
C SER A 39 29.46 -18.48 -10.01
N LEU A 40 30.71 -18.09 -9.84
CA LEU A 40 31.26 -16.86 -10.42
C LEU A 40 32.64 -17.11 -11.01
N LEU A 41 32.97 -16.46 -12.11
CA LEU A 41 34.21 -16.72 -12.82
C LEU A 41 34.98 -15.45 -13.14
N ASP A 42 36.32 -15.50 -13.10
CA ASP A 42 37.11 -14.37 -13.64
C ASP A 42 37.03 -14.36 -15.15
N ILE A 43 36.74 -13.22 -15.77
CA ILE A 43 36.62 -13.20 -17.23
C ILE A 43 37.25 -11.95 -17.76
N GLU A 44 37.40 -11.88 -19.08
CA GLU A 44 37.92 -10.67 -19.69
C GLU A 44 36.89 -10.23 -20.75
N LEU A 45 36.53 -8.97 -20.76
CA LEU A 45 35.47 -8.53 -21.69
C LEU A 45 35.96 -7.36 -22.40
N PRO A 46 35.32 -7.05 -23.54
CA PRO A 46 35.60 -5.75 -24.11
C PRO A 46 35.24 -4.57 -23.19
N LYS A 47 36.08 -3.53 -23.22
CA LYS A 47 35.86 -2.31 -22.48
C LYS A 47 34.82 -1.45 -23.23
N PRO A 48 33.65 -1.14 -22.60
CA PRO A 48 32.63 -0.30 -23.27
C PRO A 48 33.07 1.15 -23.41
N ALA A 49 32.33 1.89 -24.24
CA ALA A 49 32.53 3.31 -24.43
C ALA A 49 31.18 3.94 -24.29
N PRO A 50 31.09 5.12 -23.68
CA PRO A 50 29.75 5.58 -23.39
C PRO A 50 29.19 6.38 -24.55
N ALA A 51 27.88 6.30 -24.76
CA ALA A 51 27.20 7.19 -25.67
C ALA A 51 26.09 7.90 -24.90
N GLY A 52 25.35 8.79 -25.56
CA GLY A 52 24.19 9.45 -24.95
C GLY A 52 24.49 10.14 -23.62
N HIS A 53 23.65 9.85 -22.61
CA HIS A 53 23.76 10.34 -21.22
C HIS A 53 24.52 9.40 -20.24
N ASP A 54 25.19 8.39 -20.75
CA ASP A 54 25.94 7.52 -19.90
C ASP A 54 27.26 8.12 -19.54
N ILE A 55 27.77 7.75 -18.36
CA ILE A 55 29.22 7.95 -18.06
C ILE A 55 29.86 6.60 -17.97
N LEU A 56 31.16 6.53 -18.21
CA LEU A 56 31.90 5.29 -17.99
C LEU A 56 32.77 5.45 -16.75
N VAL A 57 32.68 4.50 -15.82
CA VAL A 57 33.26 4.66 -14.51
C VAL A 57 34.36 3.69 -14.36
N GLU A 58 35.50 4.18 -13.89
CA GLU A 58 36.57 3.24 -13.59
C GLU A 58 36.32 2.80 -12.14
N VAL A 59 36.02 1.53 -11.97
CA VAL A 59 35.39 1.04 -10.72
C VAL A 59 36.52 0.81 -9.65
N LYS A 60 36.43 1.50 -8.52
CA LYS A 60 37.41 1.27 -7.36
C LYS A 60 36.94 0.24 -6.33
N ALA A 61 35.61 0.17 -6.07
CA ALA A 61 35.10 -0.76 -5.01
C ALA A 61 33.63 -1.02 -5.31
N VAL A 62 33.14 -2.22 -4.97
CA VAL A 62 31.72 -2.61 -5.14
C VAL A 62 31.23 -3.19 -3.79
N SER A 63 29.91 -3.16 -3.51
CA SER A 63 29.37 -3.96 -2.39
C SER A 63 28.48 -5.06 -2.94
N VAL A 64 28.23 -6.09 -2.09
CA VAL A 64 27.31 -7.13 -2.46
C VAL A 64 26.03 -6.93 -1.62
N ASN A 65 24.86 -7.12 -2.23
CA ASN A 65 23.57 -6.84 -1.60
C ASN A 65 22.83 -8.11 -1.80
N PRO A 66 21.68 -8.29 -1.14
CA PRO A 66 20.94 -9.59 -1.38
C PRO A 66 20.51 -9.77 -2.86
N VAL A 67 20.15 -8.68 -3.54
CA VAL A 67 19.84 -8.81 -4.97
C VAL A 67 20.92 -9.56 -5.76
N ASP A 68 22.21 -9.38 -5.40
CA ASP A 68 23.31 -10.12 -6.04
C ASP A 68 23.07 -11.61 -6.00
N TYR A 69 22.77 -12.18 -4.82
CA TYR A 69 22.62 -13.63 -4.80
C TYR A 69 21.29 -14.02 -5.37
N LYS A 70 20.29 -13.13 -5.28
CA LYS A 70 19.00 -13.47 -5.85
C LYS A 70 19.06 -13.58 -7.39
N VAL A 71 19.78 -12.66 -7.98
CA VAL A 71 20.05 -12.66 -9.37
C VAL A 71 20.91 -13.85 -9.82
N ARG A 72 21.98 -14.09 -9.09
CA ARG A 72 22.93 -15.16 -9.41
C ARG A 72 22.29 -16.54 -9.34
N ARG A 73 21.44 -16.76 -8.38
CA ARG A 73 20.72 -18.02 -8.25
C ARG A 73 19.80 -18.32 -9.40
N SER A 74 19.24 -17.31 -10.02
CA SER A 74 18.01 -17.47 -10.84
C SER A 74 18.08 -17.06 -12.29
N THR A 75 18.97 -16.13 -12.65
CA THR A 75 18.82 -15.39 -13.92
C THR A 75 20.01 -15.63 -14.85
N PRO A 76 19.78 -16.23 -16.01
CA PRO A 76 20.90 -16.49 -16.93
C PRO A 76 21.26 -15.26 -17.73
N PRO A 77 22.40 -15.25 -18.50
CA PRO A 77 22.43 -14.24 -19.55
C PRO A 77 21.32 -14.46 -20.63
N THR A 80 25.55 -11.16 -22.25
CA THR A 80 25.05 -11.90 -23.46
C THR A 80 25.62 -13.33 -23.56
N ASP A 81 26.93 -13.50 -23.82
CA ASP A 81 27.63 -14.75 -23.46
C ASP A 81 27.85 -14.88 -21.92
N TRP A 82 28.19 -13.78 -21.25
CA TRP A 82 28.46 -13.81 -19.80
C TRP A 82 27.56 -12.81 -19.11
N LYS A 83 27.12 -13.10 -17.90
CA LYS A 83 26.37 -12.13 -17.12
C LYS A 83 27.27 -11.55 -16.05
N VAL A 84 27.30 -10.23 -15.99
CA VAL A 84 28.05 -9.48 -14.95
C VAL A 84 27.03 -8.77 -14.04
N ILE A 85 27.12 -8.97 -12.71
CA ILE A 85 26.21 -8.33 -11.82
C ILE A 85 27.03 -7.35 -10.95
N GLY A 86 26.50 -6.97 -9.80
CA GLY A 86 27.02 -5.93 -8.92
C GLY A 86 26.16 -4.67 -9.07
N TYR A 87 25.57 -4.20 -7.95
CA TYR A 87 24.69 -3.05 -7.97
C TYR A 87 25.06 -1.99 -6.94
N ASP A 88 26.37 -1.75 -6.82
CA ASP A 88 26.91 -0.74 -5.92
C ASP A 88 28.33 -0.52 -6.38
N ALA A 89 28.76 0.74 -6.49
CA ALA A 89 30.14 1.00 -6.82
C ALA A 89 30.51 2.39 -6.36
N ALA A 90 31.82 2.64 -6.13
CA ALA A 90 32.34 3.98 -6.11
C ALA A 90 33.53 4.00 -7.09
N GLY A 91 33.74 5.11 -7.78
CA GLY A 91 34.86 5.13 -8.74
C GLY A 91 35.13 6.44 -9.36
N ILE A 92 35.99 6.42 -10.40
CA ILE A 92 36.33 7.68 -11.10
C ILE A 92 35.67 7.73 -12.51
N VAL A 93 35.09 8.83 -12.89
CA VAL A 93 34.55 8.99 -14.23
C VAL A 93 35.76 8.98 -15.19
N SER A 94 35.86 7.91 -15.98
CA SER A 94 36.89 7.71 -17.04
C SER A 94 36.53 8.42 -18.37
N ALA A 95 35.27 8.32 -18.79
CA ALA A 95 34.76 9.03 -20.00
C ALA A 95 33.25 9.30 -19.84
N VAL A 96 32.74 10.21 -20.68
CA VAL A 96 31.34 10.64 -20.65
C VAL A 96 30.78 10.59 -22.08
N GLY A 97 29.48 10.29 -22.16
CA GLY A 97 28.73 10.33 -23.41
C GLY A 97 28.63 11.78 -23.82
N PRO A 98 28.30 12.04 -25.10
CA PRO A 98 28.25 13.43 -25.56
C PRO A 98 27.07 14.24 -25.03
N ASP A 99 26.01 13.61 -24.55
CA ASP A 99 24.88 14.35 -23.94
C ASP A 99 25.01 14.59 -22.39
N VAL A 100 26.11 14.15 -21.80
CA VAL A 100 26.27 14.29 -20.36
C VAL A 100 26.59 15.74 -20.01
N THR A 101 25.89 16.27 -19.01
CA THR A 101 26.29 17.51 -18.36
C THR A 101 26.61 17.44 -16.84
N LEU A 102 26.24 16.35 -16.16
CA LEU A 102 26.29 16.34 -14.67
C LEU A 102 27.66 15.94 -14.10
N PHE A 103 28.48 15.31 -14.93
CA PHE A 103 29.80 14.90 -14.54
C PHE A 103 30.82 15.09 -15.66
N ARG A 104 32.08 15.15 -15.27
CA ARG A 104 33.14 15.13 -16.27
C ARG A 104 34.24 14.22 -15.83
N PRO A 105 35.13 13.83 -16.76
CA PRO A 105 36.18 12.83 -16.47
C PRO A 105 36.98 13.35 -15.30
N GLY A 106 37.37 12.43 -14.40
CA GLY A 106 38.06 12.84 -13.18
C GLY A 106 37.14 12.96 -11.94
N ASP A 107 35.84 13.23 -12.14
CA ASP A 107 34.91 13.31 -10.98
C ASP A 107 34.83 11.99 -10.24
N GLU A 108 34.65 12.09 -8.91
CA GLU A 108 34.60 10.93 -8.08
C GLU A 108 33.10 10.65 -7.78
N VAL A 109 32.70 9.37 -7.93
CA VAL A 109 31.25 9.10 -7.95
C VAL A 109 30.89 7.87 -7.14
N PHE A 110 29.62 7.83 -6.72
CA PHE A 110 29.11 6.57 -6.23
C PHE A 110 27.67 6.40 -6.65
N TYR A 111 27.20 5.16 -6.79
CA TYR A 111 25.88 4.84 -7.38
C TYR A 111 25.61 3.33 -7.33
N ALA A 112 24.38 2.95 -7.68
CA ALA A 112 23.96 1.58 -7.67
C ALA A 112 23.73 1.05 -9.07
N GLY A 113 23.16 1.91 -9.93
CA GLY A 113 22.95 1.46 -11.33
C GLY A 113 21.59 0.77 -11.53
N SER A 114 21.53 -0.16 -12.49
CA SER A 114 20.29 -0.72 -13.00
C SER A 114 20.35 -2.22 -13.19
N ILE A 115 19.28 -2.92 -12.79
CA ILE A 115 19.26 -4.36 -12.85
C ILE A 115 19.16 -4.88 -14.32
N ILE A 116 18.76 -4.03 -15.23
CA ILE A 116 18.64 -4.44 -16.67
C ILE A 116 19.91 -4.00 -17.48
N ARG A 117 20.99 -3.65 -16.77
CA ARG A 117 22.25 -3.38 -17.48
C ARG A 117 23.37 -4.17 -16.82
N PRO A 118 24.46 -4.46 -17.57
CA PRO A 118 25.58 -5.19 -16.94
C PRO A 118 25.99 -4.46 -15.64
N GLY A 119 26.36 -5.21 -14.61
CA GLY A 119 26.70 -4.65 -13.30
C GLY A 119 28.08 -4.11 -13.05
N THR A 120 28.32 -3.75 -11.77
CA THR A 120 29.54 -3.01 -11.46
C THR A 120 30.71 -3.96 -11.24
N ASN A 121 30.53 -5.27 -11.38
CA ASN A 121 31.64 -6.22 -11.14
C ASN A 121 32.68 -6.30 -12.30
N ALA A 122 33.27 -5.16 -12.62
CA ALA A 122 34.16 -4.99 -13.81
C ALA A 122 34.97 -3.74 -13.66
N GLU A 123 36.16 -3.65 -14.27
CA GLU A 123 37.00 -2.44 -14.14
C GLU A 123 36.31 -1.18 -14.66
N PHE A 124 35.51 -1.34 -15.77
CA PHE A 124 34.80 -0.19 -16.23
C PHE A 124 33.30 -0.44 -16.35
N HIS A 125 32.48 0.57 -16.03
CA HIS A 125 31.05 0.31 -15.98
C HIS A 125 30.32 1.49 -16.52
N LEU A 126 29.29 1.24 -17.35
CA LEU A 126 28.39 2.26 -17.91
C LEU A 126 27.20 2.47 -16.98
N VAL A 127 26.90 3.75 -16.69
CA VAL A 127 25.70 4.03 -15.94
C VAL A 127 25.23 5.41 -16.37
N ASP A 128 23.92 5.65 -16.28
CA ASP A 128 23.31 6.86 -16.75
C ASP A 128 23.62 7.95 -15.77
N GLU A 129 24.06 9.11 -16.28
CA GLU A 129 24.44 10.26 -15.44
C GLU A 129 23.38 10.64 -14.41
N ARG A 130 22.08 10.41 -14.70
CA ARG A 130 20.99 10.89 -13.84
C ARG A 130 20.80 10.12 -12.52
N ILE A 131 21.40 8.95 -12.42
CA ILE A 131 21.22 8.08 -11.19
C ILE A 131 22.51 8.00 -10.38
N VAL A 132 23.42 8.92 -10.67
CA VAL A 132 24.77 8.90 -10.10
C VAL A 132 24.98 10.02 -9.07
N GLY A 133 25.69 9.71 -7.98
CA GLY A 133 25.98 10.77 -7.02
C GLY A 133 27.49 11.11 -6.98
N ARG A 134 27.80 12.32 -6.53
CA ARG A 134 29.17 12.73 -6.18
C ARG A 134 29.62 11.95 -4.94
N LYS A 135 30.81 11.38 -4.97
CA LYS A 135 31.33 10.51 -3.87
C LYS A 135 31.68 11.42 -2.68
N PRO A 136 31.24 11.04 -1.45
CA PRO A 136 31.64 11.85 -0.28
C PRO A 136 33.17 12.04 -0.27
N LYS A 137 33.63 13.27 -0.05
CA LYS A 137 35.07 13.56 0.06
C LYS A 137 35.68 12.88 1.27
N THR A 138 34.87 12.69 2.32
CA THR A 138 35.39 12.18 3.61
C THR A 138 35.50 10.69 3.67
N LEU A 139 35.02 9.97 2.65
CA LEU A 139 35.12 8.52 2.66
C LEU A 139 36.10 8.00 1.66
N ASP A 140 36.70 6.85 1.96
CA ASP A 140 37.55 6.18 1.01
C ASP A 140 36.66 5.33 0.05
N TRP A 141 37.26 4.66 -0.93
CA TRP A 141 36.47 4.01 -1.99
C TRP A 141 35.50 2.98 -1.40
N ALA A 142 36.03 2.13 -0.51
CA ALA A 142 35.24 1.03 0.10
C ALA A 142 34.13 1.53 1.01
N GLU A 143 34.40 2.58 1.76
CA GLU A 143 33.40 3.15 2.63
C GLU A 143 32.24 3.78 1.85
N ALA A 144 32.54 4.44 0.74
CA ALA A 144 31.53 5.04 -0.12
C ALA A 144 30.75 3.98 -0.90
N ALA A 145 31.42 2.92 -1.33
CA ALA A 145 30.76 1.85 -2.07
C ALA A 145 29.75 1.11 -1.23
N ALA A 146 29.90 1.18 0.10
CA ALA A 146 28.94 0.53 1.00
C ALA A 146 27.50 1.10 0.94
N LEU A 147 27.39 2.36 0.51
CA LEU A 147 26.18 3.16 0.66
C LEU A 147 25.03 3.21 -0.43
N PRO A 148 25.38 3.15 -1.72
CA PRO A 148 24.33 3.70 -2.66
C PRO A 148 23.06 2.88 -2.76
N LEU A 149 23.13 1.57 -3.03
CA LEU A 149 21.82 0.86 -3.22
C LEU A 149 20.97 0.94 -1.94
N THR A 150 21.64 0.73 -0.79
CA THR A 150 20.86 0.77 0.46
C THR A 150 20.37 2.17 0.79
N SER A 151 21.17 3.21 0.47
CA SER A 151 20.71 4.58 0.66
C SER A 151 19.47 4.94 -0.19
N ILE A 152 19.50 4.59 -1.46
CA ILE A 152 18.36 4.88 -2.31
C ILE A 152 17.12 4.08 -1.81
N THR A 153 17.33 2.80 -1.45
CA THR A 153 16.25 1.97 -0.89
C THR A 153 15.59 2.67 0.32
N ALA A 154 16.40 3.05 1.32
CA ALA A 154 15.84 3.59 2.54
C ALA A 154 15.21 4.95 2.23
N TRP A 155 15.92 5.78 1.46
CA TRP A 155 15.43 7.18 1.23
C TRP A 155 14.10 7.14 0.45
N GLU A 156 14.07 6.27 -0.58
CA GLU A 156 12.81 6.08 -1.34
C GLU A 156 11.70 5.48 -0.46
N ALA A 157 12.04 4.43 0.31
CA ALA A 157 11.02 3.84 1.21
C ALA A 157 10.39 4.94 2.11
N PHE A 158 11.21 5.79 2.74
CA PHE A 158 10.65 6.75 3.69
C PHE A 158 9.94 7.88 2.98
N PHE A 159 10.57 8.46 1.97
CA PHE A 159 10.08 9.75 1.46
C PHE A 159 9.21 9.60 0.20
N ASP A 160 9.37 8.53 -0.56
CA ASP A 160 8.51 8.41 -1.72
C ASP A 160 7.40 7.36 -1.46
N ARG A 161 7.68 6.32 -0.68
CA ARG A 161 6.65 5.26 -0.57
C ARG A 161 5.74 5.50 0.68
N LEU A 162 6.35 5.45 1.86
CA LEU A 162 5.66 5.61 3.05
C LEU A 162 5.18 7.07 3.19
N ASP A 163 5.97 8.02 2.66
CA ASP A 163 5.68 9.49 2.75
C ASP A 163 5.58 9.78 4.25
N VAL A 164 6.67 9.50 4.99
CA VAL A 164 6.65 9.60 6.44
C VAL A 164 6.43 11.06 6.96
N ASN A 165 6.56 12.09 6.11
CA ASN A 165 6.28 13.46 6.56
C ASN A 165 4.80 13.76 6.61
N LYS A 166 3.98 12.81 6.15
CA LYS A 166 2.53 12.95 6.31
C LYS A 166 2.01 12.06 7.46
N PRO A 167 1.57 12.68 8.59
CA PRO A 167 1.30 11.91 9.83
C PRO A 167 0.10 11.02 9.70
N VAL A 168 0.09 9.94 10.42
CA VAL A 168 -1.08 9.07 10.58
C VAL A 168 -1.82 9.60 11.85
N PRO A 169 -3.09 10.06 11.69
CA PRO A 169 -3.90 10.57 12.87
C PRO A 169 -3.94 9.60 14.03
N GLY A 170 -3.55 10.08 15.23
CA GLY A 170 -3.60 9.26 16.46
C GLY A 170 -2.46 8.26 16.67
N ALA A 171 -1.62 8.03 15.65
CA ALA A 171 -0.51 7.05 15.81
C ALA A 171 0.64 7.70 16.58
N ALA A 172 1.47 6.90 17.23
CA ALA A 172 2.73 7.44 17.73
C ALA A 172 3.55 7.90 16.52
N PRO A 173 4.23 9.05 16.64
CA PRO A 173 5.07 9.58 15.56
C PRO A 173 6.40 8.87 15.59
N ALA A 174 6.35 7.64 15.13
CA ALA A 174 7.39 6.68 15.30
C ALA A 174 7.42 5.76 14.08
N ILE A 175 8.61 5.21 13.81
CA ILE A 175 8.78 4.22 12.77
C ILE A 175 9.56 3.05 13.38
N LEU A 176 9.03 1.86 13.14
CA LEU A 176 9.71 0.63 13.46
C LEU A 176 10.50 0.12 12.26
N ILE A 177 11.81 -0.12 12.44
CA ILE A 177 12.64 -0.66 11.39
C ILE A 177 13.04 -2.04 11.81
N VAL A 178 12.61 -3.05 11.05
CA VAL A 178 12.83 -4.42 11.45
C VAL A 178 14.09 -4.81 10.69
N GLY A 179 15.10 -5.23 11.45
CA GLY A 179 16.44 -5.64 10.97
C GLY A 179 17.36 -4.40 10.87
N GLY A 180 17.52 -3.67 12.00
CA GLY A 180 18.30 -2.43 12.13
C GLY A 180 19.81 -2.56 11.80
N ALA A 181 20.37 -3.75 11.93
CA ALA A 181 21.82 -3.92 11.83
C ALA A 181 22.22 -4.54 10.46
N GLY A 182 21.25 -4.75 9.57
CA GLY A 182 21.52 -5.34 8.21
C GLY A 182 21.99 -4.22 7.28
N GLY A 183 22.16 -4.55 5.99
CA GLY A 183 22.65 -3.62 4.99
C GLY A 183 21.72 -2.39 4.92
N VAL A 184 20.47 -2.62 4.58
CA VAL A 184 19.56 -1.46 4.49
C VAL A 184 19.28 -0.92 5.88
N GLY A 185 19.02 -1.79 6.87
CA GLY A 185 18.67 -1.24 8.21
C GLY A 185 19.73 -0.26 8.72
N SER A 186 21.03 -0.63 8.63
CA SER A 186 22.09 0.19 9.21
C SER A 186 22.17 1.60 8.61
N ILE A 187 21.74 1.83 7.37
CA ILE A 187 21.71 3.23 6.88
C ILE A 187 20.30 3.81 7.11
N ALA A 188 19.27 2.95 7.00
CA ALA A 188 17.88 3.49 7.14
C ALA A 188 17.69 4.13 8.54
N VAL A 189 18.26 3.49 9.56
CA VAL A 189 18.14 4.05 10.92
C VAL A 189 18.72 5.47 10.94
N GLN A 190 19.90 5.64 10.30
CA GLN A 190 20.51 6.93 10.25
C GLN A 190 19.76 7.93 9.45
N ILE A 191 19.24 7.49 8.32
CA ILE A 191 18.53 8.50 7.52
C ILE A 191 17.23 8.91 8.26
N ALA A 192 16.55 7.93 8.92
CA ALA A 192 15.30 8.28 9.66
C ALA A 192 15.65 9.25 10.78
N ARG A 193 16.79 9.01 11.43
CA ARG A 193 17.17 9.84 12.61
C ARG A 193 17.54 11.28 12.18
N GLN A 194 18.21 11.41 11.02
CA GLN A 194 18.80 12.70 10.58
C GLN A 194 17.85 13.54 9.74
N ARG A 195 16.84 12.89 9.14
CA ARG A 195 16.00 13.58 8.19
C ARG A 195 14.51 13.64 8.64
N THR A 196 14.19 13.12 9.81
CA THR A 196 12.81 13.26 10.33
C THR A 196 12.90 13.51 11.85
N ASP A 197 11.76 13.85 12.47
CA ASP A 197 11.62 13.89 13.93
C ASP A 197 10.94 12.67 14.53
N LEU A 198 10.83 11.60 13.75
CA LEU A 198 10.16 10.37 14.26
C LEU A 198 10.98 9.74 15.36
N THR A 199 10.32 9.08 16.29
CA THR A 199 11.01 8.21 17.21
C THR A 199 11.45 6.99 16.41
N VAL A 200 12.74 6.69 16.35
CA VAL A 200 13.18 5.61 15.48
C VAL A 200 13.37 4.37 16.37
N ILE A 201 12.56 3.33 16.13
CA ILE A 201 12.64 2.12 16.94
C ILE A 201 13.21 1.07 16.02
N ALA A 202 14.29 0.43 16.38
CA ALA A 202 14.88 -0.53 15.46
C ALA A 202 15.14 -1.82 16.16
N THR A 203 15.26 -2.92 15.41
CA THR A 203 15.37 -4.25 16.04
C THR A 203 16.76 -4.82 15.83
N ALA A 204 17.26 -5.58 16.81
CA ALA A 204 18.55 -6.23 16.73
C ALA A 204 18.52 -7.31 17.81
N SER A 205 19.20 -8.43 17.57
CA SER A 205 19.07 -9.53 18.53
C SER A 205 20.27 -9.93 19.41
N ARG A 206 21.41 -9.24 19.32
CA ARG A 206 22.62 -9.54 20.10
C ARG A 206 23.09 -8.23 20.76
N PRO A 207 23.72 -8.31 21.97
CA PRO A 207 24.07 -7.05 22.64
C PRO A 207 24.96 -6.18 21.78
N GLU A 208 25.80 -6.79 20.96
CA GLU A 208 26.67 -6.01 20.09
C GLU A 208 25.94 -5.28 18.96
N THR A 209 24.97 -5.95 18.32
CA THR A 209 24.22 -5.24 17.30
C THR A 209 23.29 -4.25 17.94
N GLN A 210 22.73 -4.56 19.11
CA GLN A 210 21.89 -3.56 19.81
C GLN A 210 22.60 -2.27 20.08
N GLU A 211 23.85 -2.36 20.60
CA GLU A 211 24.63 -1.17 20.93
C GLU A 211 24.96 -0.43 19.63
N TRP A 212 25.30 -1.15 18.58
CA TRP A 212 25.65 -0.53 17.31
C TRP A 212 24.45 0.25 16.72
N VAL A 213 23.28 -0.36 16.69
CA VAL A 213 22.07 0.25 16.15
C VAL A 213 21.67 1.50 16.96
N LYS A 214 21.83 1.40 18.29
CA LYS A 214 21.80 2.60 19.16
C LYS A 214 22.80 3.63 18.72
N SER A 215 24.07 3.23 18.51
CA SER A 215 25.01 4.28 18.09
C SER A 215 24.68 4.92 16.76
N LEU A 216 23.91 4.19 15.93
CA LEU A 216 23.52 4.71 14.59
C LEU A 216 22.37 5.68 14.68
N GLY A 217 21.80 5.90 15.86
CA GLY A 217 20.70 6.85 15.91
C GLY A 217 19.37 6.37 16.43
N ALA A 218 19.15 5.05 16.58
CA ALA A 218 17.82 4.58 17.04
C ALA A 218 17.50 5.13 18.42
N HIS A 219 16.29 5.65 18.63
CA HIS A 219 15.93 6.06 20.01
C HIS A 219 15.67 4.84 20.85
N HIS A 220 15.17 3.73 20.26
CA HIS A 220 14.91 2.57 21.06
C HIS A 220 15.35 1.40 20.26
N VAL A 221 15.93 0.40 20.92
CA VAL A 221 16.24 -0.83 20.16
C VAL A 221 15.50 -2.00 20.84
N ILE A 222 14.78 -2.82 20.07
CA ILE A 222 14.10 -3.96 20.68
C ILE A 222 14.61 -5.18 20.04
N ASP A 223 14.27 -6.32 20.62
CA ASP A 223 14.82 -7.61 20.26
C ASP A 223 13.88 -8.41 19.35
N HIS A 224 14.19 -8.53 18.05
CA HIS A 224 13.34 -9.30 17.15
C HIS A 224 13.33 -10.80 17.35
N SER A 225 14.15 -11.34 18.26
CA SER A 225 14.01 -12.77 18.54
C SER A 225 12.78 -12.94 19.46
N LYS A 226 12.18 -11.83 19.89
CA LYS A 226 10.96 -11.88 20.67
C LYS A 226 9.73 -11.35 19.86
N PRO A 227 8.50 -11.81 20.19
CA PRO A 227 7.31 -11.27 19.53
C PRO A 227 7.34 -9.74 19.57
N LEU A 228 7.31 -9.15 18.38
CA LEU A 228 7.49 -7.70 18.30
C LEU A 228 6.43 -6.82 18.93
N ALA A 229 5.16 -7.21 18.87
CA ALA A 229 4.13 -6.29 19.35
C ALA A 229 4.29 -6.05 20.86
N ALA A 230 4.55 -7.12 21.62
CA ALA A 230 4.72 -6.90 23.08
C ALA A 230 5.98 -6.12 23.37
N GLU A 231 7.01 -6.25 22.52
CA GLU A 231 8.21 -5.44 22.74
C GLU A 231 7.93 -4.00 22.47
N VAL A 232 7.15 -3.73 21.41
CA VAL A 232 6.89 -2.33 21.12
C VAL A 232 5.93 -1.78 22.15
N ALA A 233 4.92 -2.54 22.54
CA ALA A 233 3.97 -1.98 23.56
C ALA A 233 4.70 -1.62 24.85
N ALA A 234 5.71 -2.42 25.22
CA ALA A 234 6.48 -2.18 26.44
C ALA A 234 7.14 -0.82 26.42
N LEU A 235 7.34 -0.25 25.23
CA LEU A 235 7.98 1.04 25.16
C LEU A 235 7.10 2.14 25.71
N GLY A 236 5.80 1.87 25.76
CA GLY A 236 4.82 2.83 26.26
C GLY A 236 4.66 4.07 25.43
N LEU A 237 4.86 4.00 24.10
CA LEU A 237 4.77 5.23 23.25
C LEU A 237 3.50 5.28 22.43
N GLY A 238 2.66 4.24 22.51
CA GLY A 238 1.52 4.03 21.60
C GLY A 238 1.95 3.21 20.36
N ALA A 239 1.16 3.27 19.29
CA ALA A 239 1.32 2.32 18.18
C ALA A 239 1.97 3.13 17.03
N PRO A 240 3.13 2.70 16.54
CA PRO A 240 3.87 3.43 15.49
C PRO A 240 3.01 3.61 14.22
N ALA A 241 3.03 4.81 13.71
CA ALA A 241 2.49 5.09 12.38
C ALA A 241 3.01 4.23 11.26
N PHE A 242 4.30 3.93 11.30
CA PHE A 242 5.06 3.36 10.19
C PHE A 242 5.88 2.13 10.58
N VAL A 243 5.94 1.16 9.69
CA VAL A 243 6.88 0.05 9.87
C VAL A 243 7.61 -0.14 8.61
N PHE A 244 8.92 -0.37 8.70
CA PHE A 244 9.74 -0.60 7.53
C PHE A 244 10.41 -1.93 7.77
N SER A 245 10.01 -2.97 7.02
CA SER A 245 10.62 -4.28 7.25
C SER A 245 11.70 -4.62 6.22
N THR A 246 12.89 -4.91 6.72
CA THR A 246 13.98 -5.25 5.83
C THR A 246 14.30 -6.74 5.69
N THR A 247 13.76 -7.56 6.57
CA THR A 247 14.13 -8.94 6.58
C THR A 247 13.06 -9.69 7.40
N HIS A 248 12.92 -11.01 7.09
CA HIS A 248 12.02 -11.89 7.82
C HIS A 248 10.59 -11.39 7.93
N THR A 249 10.12 -10.70 6.88
CA THR A 249 8.79 -10.14 6.96
C THR A 249 7.71 -11.15 7.27
N ASP A 250 7.80 -12.32 6.68
CA ASP A 250 6.69 -13.28 7.01
C ASP A 250 6.69 -13.78 8.42
N LYS A 251 7.87 -13.98 8.95
CA LYS A 251 7.98 -14.30 10.40
C LYS A 251 7.30 -13.25 11.31
N HIS A 252 7.42 -11.97 10.94
CA HIS A 252 6.94 -10.87 11.77
C HIS A 252 5.61 -10.23 11.33
N ALA A 253 5.06 -10.60 10.16
CA ALA A 253 3.87 -9.91 9.62
C ALA A 253 2.69 -9.82 10.60
N ALA A 254 2.32 -10.92 11.30
CA ALA A 254 1.19 -10.89 12.23
C ALA A 254 1.44 -9.96 13.41
N GLU A 255 2.66 -10.02 13.95
CA GLU A 255 3.07 -9.06 14.99
C GLU A 255 3.04 -7.62 14.52
N ILE A 256 3.50 -7.36 13.26
CA ILE A 256 3.52 -6.01 12.72
C ILE A 256 2.06 -5.53 12.60
N ALA A 257 1.17 -6.38 12.13
CA ALA A 257 -0.27 -5.91 12.05
C ALA A 257 -0.89 -5.68 13.43
N ASP A 258 -0.45 -6.42 14.46
CA ASP A 258 -0.94 -6.09 15.80
C ASP A 258 -0.38 -4.77 16.38
N LEU A 259 0.90 -4.48 16.14
CA LEU A 259 1.52 -3.33 16.77
C LEU A 259 1.28 -2.01 16.03
N ILE A 260 0.93 -2.06 14.74
CA ILE A 260 0.95 -0.82 13.96
C ILE A 260 -0.35 0.00 14.25
N ALA A 261 -0.30 1.31 14.16
CA ALA A 261 -1.49 2.19 14.27
C ALA A 261 -2.52 1.81 13.19
N PRO A 262 -3.83 1.90 13.57
CA PRO A 262 -4.88 1.94 12.52
C PRO A 262 -4.57 3.03 11.49
N GLN A 263 -4.79 2.72 10.20
CA GLN A 263 -4.47 3.66 9.10
C GLN A 263 -3.02 3.97 8.97
N GLY A 264 -2.20 3.13 9.59
CA GLY A 264 -0.74 3.23 9.45
C GLY A 264 -0.25 2.73 8.09
N ARG A 265 1.07 2.82 7.84
CA ARG A 265 1.66 2.38 6.57
C ARG A 265 2.89 1.50 6.79
N PHE A 266 2.94 0.44 6.02
CA PHE A 266 3.90 -0.65 6.18
C PHE A 266 4.63 -0.81 4.84
N CYS A 267 5.93 -0.59 4.87
CA CYS A 267 6.79 -0.84 3.69
C CYS A 267 7.74 -2.04 3.93
N LEU A 268 7.85 -2.94 2.96
CA LEU A 268 8.81 -4.10 3.06
C LEU A 268 9.66 -4.10 1.86
N ILE A 269 10.92 -4.52 1.98
CA ILE A 269 11.80 -4.58 0.82
C ILE A 269 12.38 -5.96 0.63
N ASP A 270 12.06 -6.88 1.53
CA ASP A 270 12.51 -8.27 1.31
C ASP A 270 11.50 -8.98 0.38
N ASP A 271 11.52 -10.29 0.39
CA ASP A 271 10.77 -11.03 -0.62
C ASP A 271 10.01 -12.16 0.08
N PRO A 272 9.08 -11.84 0.98
CA PRO A 272 8.36 -12.97 1.69
C PRO A 272 7.64 -13.82 0.67
N SER A 273 7.64 -15.15 0.87
CA SER A 273 6.92 -15.99 -0.05
C SER A 273 5.46 -16.23 0.26
N ALA A 274 5.00 -15.92 1.47
CA ALA A 274 3.64 -16.28 1.87
C ALA A 274 2.92 -15.05 2.46
N PHE A 275 3.21 -13.84 2.01
CA PHE A 275 2.71 -12.70 2.77
C PHE A 275 1.18 -12.60 2.71
N ASP A 276 0.52 -12.46 3.85
CA ASP A 276 -0.97 -12.41 3.92
C ASP A 276 -1.47 -10.96 4.03
N ILE A 277 -1.93 -10.37 2.92
CA ILE A 277 -2.34 -8.98 3.03
C ILE A 277 -3.58 -8.80 3.95
N MSE A 278 -4.32 -9.87 4.14
CA MSE A 278 -5.63 -9.77 4.92
C MSE A 278 -5.33 -9.49 6.41
O MSE A 278 -6.22 -9.04 7.16
CB MSE A 278 -6.53 -11.03 4.75
CG MSE A 278 -6.93 -11.30 3.33
SE MSE A 278 -7.81 -9.59 2.54
CE MSE A 278 -9.38 -9.68 3.59
N LEU A 279 -4.08 -9.74 6.85
CA LEU A 279 -3.73 -9.33 8.23
C LEU A 279 -3.89 -7.84 8.46
N PHE A 280 -3.78 -7.06 7.37
CA PHE A 280 -3.78 -5.57 7.43
C PHE A 280 -5.10 -4.95 7.12
N LYS A 281 -6.09 -5.78 6.86
CA LYS A 281 -7.38 -5.20 6.42
C LYS A 281 -8.14 -4.43 7.52
N ARG A 282 -8.24 -5.03 8.69
CA ARG A 282 -9.06 -4.46 9.79
C ARG A 282 -8.64 -3.07 10.14
N LYS A 283 -7.31 -2.83 10.15
CA LYS A 283 -6.70 -1.50 10.41
C LYS A 283 -6.58 -0.63 9.16
N ALA A 284 -7.02 -1.14 8.00
CA ALA A 284 -6.91 -0.37 6.72
C ALA A 284 -5.47 0.13 6.45
N VAL A 285 -4.51 -0.77 6.71
CA VAL A 285 -3.06 -0.44 6.62
C VAL A 285 -2.65 -0.66 5.17
N SER A 286 -1.89 0.28 4.59
CA SER A 286 -1.40 0.11 3.22
C SER A 286 -0.04 -0.66 3.25
N ILE A 287 0.23 -1.42 2.21
CA ILE A 287 1.47 -2.16 2.09
C ILE A 287 2.24 -1.64 0.92
N HIS A 288 3.50 -1.20 1.15
CA HIS A 288 4.19 -0.44 0.11
C HIS A 288 5.42 -1.28 -0.22
N HIS A 289 5.64 -1.52 -1.51
CA HIS A 289 6.91 -2.10 -1.95
C HIS A 289 7.94 -0.97 -2.14
N GLU A 290 9.21 -1.27 -1.92
CA GLU A 290 10.23 -0.36 -2.40
C GLU A 290 11.17 -1.23 -3.16
N LEU A 291 11.48 -0.81 -4.39
CA LEU A 291 12.51 -1.48 -5.18
C LEU A 291 13.30 -0.37 -5.85
N MSE A 292 14.59 -0.23 -5.55
CA MSE A 292 15.31 0.88 -6.17
C MSE A 292 15.52 0.75 -7.65
O MSE A 292 15.89 1.75 -8.31
CB MSE A 292 16.64 1.27 -5.50
CG MSE A 292 17.41 0.22 -4.96
SE MSE A 292 18.26 -0.66 -6.36
CE MSE A 292 19.63 0.52 -6.42
N PHE A 293 15.31 -0.48 -8.17
CA PHE A 293 15.45 -0.67 -9.63
C PHE A 293 14.30 -0.16 -10.47
N THR A 294 13.15 0.12 -9.84
CA THR A 294 11.97 0.48 -10.62
C THR A 294 12.23 1.71 -11.47
N ARG A 295 12.68 2.80 -10.83
CA ARG A 295 12.84 4.06 -11.64
C ARG A 295 13.78 3.87 -12.87
N PRO A 296 15.00 3.30 -12.69
CA PRO A 296 15.82 3.22 -13.89
C PRO A 296 15.39 2.05 -14.80
N MSE A 297 14.74 1.02 -14.25
CA MSE A 297 14.23 -0.01 -15.18
C MSE A 297 13.20 0.60 -16.16
O MSE A 297 13.22 0.25 -17.31
CB MSE A 297 13.48 -1.13 -14.44
CG MSE A 297 12.60 -1.98 -15.42
SE MSE A 297 12.00 -3.54 -14.34
CE MSE A 297 13.65 -4.49 -14.04
N PHE A 298 12.22 1.34 -15.66
CA PHE A 298 11.18 1.91 -16.49
C PHE A 298 11.49 3.32 -17.03
N GLY A 299 12.57 3.97 -16.57
CA GLY A 299 12.98 5.27 -17.12
C GLY A 299 11.89 6.26 -16.80
N THR A 300 11.45 6.25 -15.55
CA THR A 300 10.31 7.10 -15.13
C THR A 300 10.81 8.58 -15.07
N PRO A 301 9.87 9.57 -15.09
CA PRO A 301 10.28 10.95 -15.26
C PRO A 301 11.08 11.37 -14.00
N ASP A 302 10.87 10.66 -12.89
CA ASP A 302 11.56 10.97 -11.63
C ASP A 302 12.83 10.13 -11.38
N MSE A 303 13.32 9.45 -12.41
CA MSE A 303 14.54 8.65 -12.30
C MSE A 303 15.75 9.48 -11.77
O MSE A 303 16.60 8.98 -10.98
CB MSE A 303 14.92 8.17 -13.66
CG MSE A 303 16.10 7.15 -13.57
SE MSE A 303 16.53 6.49 -15.36
CE MSE A 303 17.32 8.08 -16.24
N SER A 304 15.82 10.76 -12.18
CA SER A 304 16.99 11.55 -11.87
C SER A 304 16.93 11.96 -10.37
N GLU A 305 15.80 11.75 -9.68
CA GLU A 305 15.79 11.86 -8.22
C GLU A 305 16.76 10.88 -7.51
N GLN A 306 17.11 9.78 -8.17
CA GLN A 306 18.04 8.87 -7.50
C GLN A 306 19.44 9.50 -7.46
N GLY A 307 19.86 10.16 -8.56
CA GLY A 307 21.15 10.89 -8.53
C GLY A 307 21.08 12.03 -7.53
N ARG A 308 19.95 12.75 -7.47
CA ARG A 308 19.84 13.85 -6.50
C ARG A 308 19.89 13.36 -5.05
N LEU A 309 19.25 12.21 -4.80
CA LEU A 309 19.22 11.77 -3.39
C LEU A 309 20.61 11.32 -2.98
N LEU A 310 21.33 10.72 -3.92
CA LEU A 310 22.72 10.30 -3.65
C LEU A 310 23.64 11.51 -3.34
N ASN A 311 23.39 12.61 -4.03
CA ASN A 311 24.08 13.88 -3.74
C ASN A 311 23.73 14.41 -2.38
N ASP A 312 22.47 14.27 -1.93
CA ASP A 312 22.12 14.70 -0.58
C ASP A 312 22.74 13.78 0.43
N VAL A 313 22.66 12.48 0.20
CA VAL A 313 23.33 11.56 1.07
C VAL A 313 24.84 11.95 1.19
N SER A 314 25.48 12.14 0.03
CA SER A 314 26.90 12.48 0.02
C SER A 314 27.21 13.70 0.89
N ARG A 315 26.41 14.74 0.70
CA ARG A 315 26.56 15.93 1.50
C ARG A 315 26.32 15.64 3.01
N LEU A 316 25.35 14.78 3.34
CA LEU A 316 25.14 14.42 4.73
C LEU A 316 26.30 13.66 5.29
N VAL A 317 26.93 12.82 4.48
CA VAL A 317 28.10 12.07 4.91
C VAL A 317 29.22 13.08 5.27
N ASP A 318 29.48 14.02 4.36
CA ASP A 318 30.62 14.92 4.53
C ASP A 318 30.30 15.94 5.65
N GLU A 319 29.02 16.28 5.85
CA GLU A 319 28.59 17.05 7.04
C GLU A 319 28.86 16.29 8.37
N GLY A 320 29.04 14.98 8.34
CA GLY A 320 29.19 14.17 9.55
C GLY A 320 27.88 13.49 10.07
N ARG A 321 26.80 13.71 9.35
CA ARG A 321 25.47 13.28 9.83
C ARG A 321 25.12 11.80 9.49
N LEU A 322 25.72 11.25 8.43
CA LEU A 322 25.61 9.83 8.10
C LEU A 322 27.01 9.19 8.13
N ARG A 323 27.11 7.99 8.65
CA ARG A 323 28.33 7.27 8.75
C ARG A 323 28.25 6.06 7.84
N THR A 324 29.38 5.68 7.26
CA THR A 324 29.45 4.42 6.49
C THR A 324 29.06 3.19 7.33
N THR A 325 28.44 2.23 6.67
CA THR A 325 28.00 0.98 7.25
C THR A 325 28.99 -0.13 6.87
N LEU A 326 30.10 0.23 6.19
CA LEU A 326 31.13 -0.75 5.86
C LEU A 326 31.52 -1.56 7.13
N THR A 327 31.46 -2.86 7.05
CA THR A 327 31.94 -3.61 8.17
C THR A 327 32.94 -4.73 7.75
N ASN A 328 33.01 -5.06 6.46
CA ASN A 328 33.86 -6.18 6.01
C ASN A 328 34.50 -5.71 4.67
N ARG A 329 35.82 -5.73 4.56
CA ARG A 329 36.49 -5.15 3.39
C ARG A 329 37.32 -6.26 2.85
N LEU A 330 37.10 -6.63 1.56
CA LEU A 330 37.92 -7.64 0.88
C LEU A 330 38.65 -6.98 -0.34
N SER A 331 39.77 -7.58 -0.77
CA SER A 331 40.53 -7.15 -1.96
C SER A 331 41.31 -8.34 -2.50
N PRO A 332 41.51 -8.41 -3.85
CA PRO A 332 40.91 -7.50 -4.86
C PRO A 332 39.52 -8.05 -5.33
N ILE A 333 38.85 -7.32 -6.24
CA ILE A 333 37.59 -7.80 -6.82
C ILE A 333 37.97 -8.89 -7.79
N ASN A 334 37.67 -10.14 -7.46
CA ASN A 334 37.86 -11.27 -8.36
C ASN A 334 36.82 -12.29 -7.94
N ALA A 335 36.74 -13.44 -8.62
CA ALA A 335 35.66 -14.39 -8.41
C ALA A 335 35.80 -15.03 -7.03
N ALA A 336 37.04 -15.15 -6.57
CA ALA A 336 37.25 -15.82 -5.27
C ALA A 336 36.62 -15.00 -4.16
N ASN A 337 36.89 -13.71 -4.18
CA ASN A 337 36.37 -12.87 -3.10
C ASN A 337 34.87 -12.54 -3.22
N LEU A 338 34.42 -12.33 -4.45
CA LEU A 338 32.99 -12.18 -4.68
C LEU A 338 32.20 -13.44 -4.21
N LYS A 339 32.71 -14.67 -4.41
CA LYS A 339 32.01 -15.90 -3.91
C LYS A 339 31.89 -15.89 -2.36
N GLN A 340 32.98 -15.50 -1.71
CA GLN A 340 32.98 -15.43 -0.24
C GLN A 340 31.99 -14.31 0.16
N ALA A 341 32.04 -13.18 -0.57
CA ALA A 341 31.14 -12.08 -0.18
C ALA A 341 29.64 -12.45 -0.39
N HIS A 342 29.34 -13.15 -1.48
CA HIS A 342 28.03 -13.67 -1.74
C HIS A 342 27.58 -14.68 -0.66
N ALA A 343 28.48 -15.62 -0.31
CA ALA A 343 28.17 -16.56 0.81
C ALA A 343 27.78 -15.80 2.07
N LEU A 344 28.60 -14.83 2.44
CA LEU A 344 28.34 -14.00 3.60
C LEU A 344 26.96 -13.33 3.61
N VAL A 345 26.58 -12.76 2.46
CA VAL A 345 25.29 -12.05 2.38
C VAL A 345 24.15 -13.09 2.41
N GLU A 346 24.32 -14.24 1.72
CA GLU A 346 23.32 -15.32 1.77
C GLU A 346 23.08 -15.86 3.19
N SER A 347 24.13 -15.91 4.02
CA SER A 347 24.00 -16.45 5.39
C SER A 347 23.05 -15.61 6.28
N GLY A 348 22.94 -14.32 5.97
CA GLY A 348 22.15 -13.39 6.82
C GLY A 348 22.76 -13.11 8.20
N THR A 349 24.06 -13.36 8.38
CA THR A 349 24.61 -13.20 9.72
C THR A 349 25.38 -11.89 9.83
N ALA A 350 25.79 -11.33 8.70
CA ALA A 350 26.62 -10.10 8.66
C ALA A 350 25.84 -8.87 9.11
N ARG A 351 26.48 -8.01 9.89
CA ARG A 351 25.96 -6.68 10.10
C ARG A 351 26.56 -5.72 9.08
N GLY A 352 25.87 -4.63 8.77
CA GLY A 352 26.41 -3.60 7.92
C GLY A 352 26.69 -4.17 6.53
N LYS A 353 27.73 -3.70 5.88
CA LYS A 353 27.97 -3.98 4.45
C LYS A 353 29.36 -4.64 4.18
N VAL A 354 29.36 -5.61 3.27
CA VAL A 354 30.63 -6.20 2.76
C VAL A 354 30.98 -5.57 1.45
N VAL A 355 32.20 -5.04 1.36
CA VAL A 355 32.67 -4.32 0.18
C VAL A 355 33.96 -4.99 -0.31
N ILE A 356 34.15 -5.05 -1.64
CA ILE A 356 35.36 -5.59 -2.26
C ILE A 356 35.97 -4.47 -3.07
N GLU A 357 37.29 -4.26 -2.92
CA GLU A 357 37.96 -3.14 -3.57
C GLU A 357 39.20 -3.54 -4.37
N GLY A 358 39.45 -2.78 -5.43
CA GLY A 358 40.62 -2.94 -6.25
C GLY A 358 40.57 -4.04 -7.29
N PHE A 359 41.45 -3.90 -8.27
CA PHE A 359 41.65 -4.91 -9.25
C PHE A 359 43.16 -5.13 -9.18
N GLY A 360 43.57 -6.39 -9.13
CA GLY A 360 44.99 -6.71 -9.00
C GLY A 360 45.07 -8.15 -8.59
N LEU A 361 46.18 -8.52 -7.93
CA LEU A 361 46.45 -9.91 -7.45
C LEU A 361 46.38 -9.96 -5.95
N TYR B 19 -41.87 -1.83 32.94
CA TYR B 19 -41.87 -2.31 31.52
C TYR B 19 -40.83 -1.50 30.64
N PHE B 20 -40.37 -2.10 29.53
CA PHE B 20 -39.45 -1.42 28.60
C PHE B 20 -40.17 -1.01 27.28
N GLN B 21 -40.07 0.25 26.87
CA GLN B 21 -40.54 0.65 25.52
C GLN B 21 -39.81 -0.23 24.44
N SER B 22 -40.52 -0.63 23.39
CA SER B 22 -39.97 -1.65 22.53
C SER B 22 -40.05 -1.21 21.07
N MSE B 23 -39.48 -2.02 20.20
CA MSE B 23 -39.46 -1.71 18.79
C MSE B 23 -39.38 -2.99 17.98
O MSE B 23 -38.95 -4.08 18.46
CB MSE B 23 -38.29 -0.83 18.52
CG MSE B 23 -36.93 -1.54 18.73
SE MSE B 23 -35.45 -0.32 18.32
CE MSE B 23 -33.95 -1.70 18.65
N LYS B 24 -39.80 -2.86 16.73
CA LYS B 24 -39.63 -3.96 15.80
C LYS B 24 -38.17 -3.99 15.31
N ALA B 25 -37.71 -5.17 14.97
CA ALA B 25 -36.35 -5.34 14.40
C ALA B 25 -36.32 -6.64 13.62
N VAL B 26 -35.28 -6.78 12.79
CA VAL B 26 -34.99 -7.97 12.10
C VAL B 26 -33.61 -8.43 12.63
N GLY B 27 -33.46 -9.71 12.95
CA GLY B 27 -32.21 -10.16 13.59
C GLY B 27 -32.11 -11.69 13.58
N TYR B 28 -31.04 -12.22 14.17
CA TYR B 28 -30.85 -13.65 14.18
C TYR B 28 -30.10 -14.06 15.40
N ASN B 29 -30.17 -15.35 15.70
CA ASN B 29 -29.30 -15.87 16.74
C ASN B 29 -28.36 -16.99 16.29
N LYS B 30 -28.69 -17.64 15.18
CA LYS B 30 -27.82 -18.65 14.60
C LYS B 30 -27.39 -18.17 13.20
N PRO B 31 -26.07 -17.91 12.98
CA PRO B 31 -25.60 -17.57 11.63
C PRO B 31 -25.92 -18.72 10.70
N ALA B 32 -26.44 -18.48 9.50
CA ALA B 32 -26.96 -19.55 8.66
C ALA B 32 -27.05 -19.11 7.20
N PRO B 33 -27.04 -20.05 6.26
CA PRO B 33 -27.36 -19.69 4.90
C PRO B 33 -28.79 -19.08 4.82
N ILE B 34 -28.98 -18.19 3.83
CA ILE B 34 -30.21 -17.42 3.76
C ILE B 34 -31.48 -18.31 3.57
N THR B 35 -31.29 -19.52 3.04
CA THR B 35 -32.39 -20.44 2.77
C THR B 35 -32.89 -21.11 4.08
N ASP B 36 -32.11 -21.08 5.16
CA ASP B 36 -32.66 -21.53 6.43
C ASP B 36 -33.81 -20.56 6.86
N ASP B 37 -34.98 -21.12 7.28
CA ASP B 37 -36.11 -20.27 7.78
C ASP B 37 -35.72 -19.25 8.84
N ALA B 38 -34.92 -19.62 9.80
CA ALA B 38 -34.63 -18.69 10.83
C ALA B 38 -33.33 -17.91 10.59
N SER B 39 -32.88 -17.82 9.35
CA SER B 39 -31.66 -17.10 9.01
C SER B 39 -31.83 -15.64 9.36
N LEU B 40 -33.06 -15.13 9.23
CA LEU B 40 -33.41 -13.77 9.68
C LEU B 40 -34.85 -13.89 10.25
N LEU B 41 -35.12 -13.22 11.34
CA LEU B 41 -36.41 -13.33 12.06
C LEU B 41 -36.93 -11.93 12.42
N ASP B 42 -38.27 -11.78 12.39
CA ASP B 42 -38.88 -10.56 12.93
C ASP B 42 -38.92 -10.68 14.47
N ILE B 43 -38.42 -9.69 15.16
CA ILE B 43 -38.23 -9.75 16.59
C ILE B 43 -38.63 -8.40 17.19
N GLU B 44 -38.74 -8.40 18.52
CA GLU B 44 -39.12 -7.23 19.22
C GLU B 44 -38.04 -6.97 20.28
N LEU B 45 -37.55 -5.75 20.40
CA LEU B 45 -36.44 -5.49 21.32
C LEU B 45 -36.70 -4.18 22.01
N PRO B 46 -36.02 -3.97 23.16
CA PRO B 46 -36.10 -2.69 23.89
C PRO B 46 -35.65 -1.52 23.00
N LYS B 47 -36.38 -0.40 23.03
CA LYS B 47 -35.99 0.83 22.32
C LYS B 47 -34.84 1.47 23.10
N PRO B 48 -33.70 1.75 22.42
CA PRO B 48 -32.57 2.28 23.16
C PRO B 48 -32.72 3.75 23.40
N ALA B 49 -31.95 4.30 24.34
CA ALA B 49 -31.91 5.78 24.49
C ALA B 49 -30.47 6.27 24.34
N PRO B 50 -30.27 7.42 23.69
CA PRO B 50 -28.93 7.90 23.42
C PRO B 50 -28.21 8.59 24.60
N ALA B 51 -26.97 8.18 24.89
CA ALA B 51 -26.06 8.94 25.77
C ALA B 51 -24.85 9.46 25.01
N GLY B 52 -24.08 10.37 25.65
CA GLY B 52 -22.85 10.93 25.15
C GLY B 52 -23.05 11.57 23.79
N HIS B 53 -22.19 11.18 22.83
CA HIS B 53 -22.27 11.64 21.45
C HIS B 53 -23.24 10.88 20.48
N ASP B 54 -24.03 9.93 20.98
CA ASP B 54 -24.95 9.18 20.12
C ASP B 54 -26.19 9.98 19.79
N ILE B 55 -26.71 9.81 18.58
CA ILE B 55 -28.10 10.17 18.23
C ILE B 55 -28.91 8.86 18.13
N LEU B 56 -30.22 8.97 18.42
CA LEU B 56 -31.18 7.93 18.12
C LEU B 56 -32.01 8.27 16.86
N VAL B 57 -31.97 7.36 15.88
CA VAL B 57 -32.55 7.68 14.58
C VAL B 57 -33.74 6.75 14.44
N GLU B 58 -34.87 7.32 13.99
CA GLU B 58 -36.05 6.58 13.59
C GLU B 58 -35.77 6.21 12.14
N VAL B 59 -35.45 4.93 11.91
CA VAL B 59 -34.99 4.49 10.63
C VAL B 59 -36.17 4.42 9.60
N LYS B 60 -36.01 5.07 8.47
CA LYS B 60 -37.02 5.04 7.40
C LYS B 60 -36.71 4.06 6.27
N ALA B 61 -35.39 3.85 5.97
CA ALA B 61 -34.95 2.83 5.03
C ALA B 61 -33.50 2.39 5.29
N VAL B 62 -33.18 1.18 4.84
CA VAL B 62 -31.85 0.57 5.00
C VAL B 62 -31.45 -0.10 3.69
N SER B 63 -30.15 -0.27 3.47
CA SER B 63 -29.75 -1.03 2.26
C SER B 63 -28.92 -2.22 2.69
N VAL B 64 -28.76 -3.19 1.80
CA VAL B 64 -28.02 -4.41 2.14
C VAL B 64 -26.69 -4.32 1.34
N ASN B 65 -25.59 -4.67 1.99
CA ASN B 65 -24.22 -4.63 1.44
C ASN B 65 -23.60 -6.02 1.61
N PRO B 66 -22.50 -6.31 0.87
CA PRO B 66 -21.89 -7.64 1.06
C PRO B 66 -21.51 -7.92 2.51
N VAL B 67 -21.11 -6.87 3.25
CA VAL B 67 -20.79 -7.10 4.68
C VAL B 67 -21.98 -7.74 5.42
N ASP B 68 -23.21 -7.33 5.06
CA ASP B 68 -24.37 -7.92 5.77
C ASP B 68 -24.42 -9.45 5.64
N TYR B 69 -24.18 -9.97 4.45
CA TYR B 69 -24.29 -11.47 4.40
C TYR B 69 -23.09 -12.20 4.97
N LYS B 70 -21.93 -11.58 4.84
CA LYS B 70 -20.71 -12.09 5.47
C LYS B 70 -20.83 -12.15 7.00
N VAL B 71 -21.45 -11.16 7.60
CA VAL B 71 -21.70 -11.22 8.98
C VAL B 71 -22.74 -12.27 9.35
N ARG B 72 -23.83 -12.29 8.60
CA ARG B 72 -24.98 -13.09 8.87
C ARG B 72 -24.63 -14.54 8.79
N ARG B 73 -23.84 -14.91 7.80
CA ARG B 73 -23.45 -16.28 7.64
C ARG B 73 -22.49 -16.80 8.68
N SER B 74 -21.86 -15.92 9.45
CA SER B 74 -20.77 -16.38 10.29
C SER B 74 -20.85 -15.97 11.75
N THR B 75 -21.33 -14.79 12.05
CA THR B 75 -21.09 -14.19 13.36
C THR B 75 -22.37 -14.20 14.23
N PRO B 76 -22.32 -14.88 15.40
CA PRO B 76 -23.49 -14.92 16.27
C PRO B 76 -23.51 -13.69 17.17
N PRO B 77 -24.65 -13.45 17.86
CA PRO B 77 -24.66 -12.41 18.88
C PRO B 77 -23.64 -12.76 19.99
N ASP B 78 -23.11 -11.75 20.63
CA ASP B 78 -22.16 -12.00 21.70
C ASP B 78 -22.78 -11.87 23.11
N THR B 80 -26.09 -10.57 23.90
CA THR B 80 -27.43 -10.35 23.31
C THR B 80 -28.03 -11.75 23.01
N ASP B 81 -29.33 -11.91 23.18
CA ASP B 81 -29.96 -13.11 22.62
C ASP B 81 -30.14 -12.92 21.05
N TRP B 82 -30.12 -11.67 20.58
CA TRP B 82 -30.35 -11.41 19.18
C TRP B 82 -29.25 -10.54 18.62
N LYS B 83 -28.88 -10.80 17.36
CA LYS B 83 -27.92 -9.94 16.64
C LYS B 83 -28.69 -9.18 15.52
N VAL B 84 -28.53 -7.90 15.51
CA VAL B 84 -29.15 -7.06 14.48
C VAL B 84 -28.05 -6.41 13.64
N ILE B 85 -28.16 -6.57 12.34
CA ILE B 85 -27.21 -5.99 11.43
C ILE B 85 -27.83 -4.88 10.59
N GLY B 86 -27.20 -4.51 9.44
CA GLY B 86 -27.61 -3.36 8.61
C GLY B 86 -26.63 -2.23 8.82
N TYR B 87 -25.98 -1.80 7.75
CA TYR B 87 -24.88 -0.83 7.85
C TYR B 87 -25.16 0.28 6.82
N ASP B 88 -26.45 0.62 6.68
CA ASP B 88 -26.88 1.75 5.82
C ASP B 88 -28.26 2.14 6.32
N ALA B 89 -28.50 3.42 6.51
CA ALA B 89 -29.86 3.87 6.84
C ALA B 89 -30.02 5.30 6.38
N ALA B 90 -31.28 5.66 6.13
CA ALA B 90 -31.68 7.08 6.21
C ALA B 90 -32.86 7.20 7.19
N GLY B 91 -33.00 8.35 7.85
CA GLY B 91 -34.03 8.38 8.90
C GLY B 91 -34.13 9.77 9.51
N ILE B 92 -34.93 9.89 10.56
CA ILE B 92 -35.11 11.20 11.23
C ILE B 92 -34.50 11.09 12.61
N VAL B 93 -33.75 12.07 13.03
CA VAL B 93 -33.27 12.09 14.40
C VAL B 93 -34.44 12.18 15.40
N SER B 94 -34.50 11.24 16.32
CA SER B 94 -35.60 11.16 17.30
C SER B 94 -35.18 11.76 18.68
N ALA B 95 -33.91 11.58 19.02
CA ALA B 95 -33.39 12.06 20.31
C ALA B 95 -31.86 12.16 20.17
N VAL B 96 -31.21 12.94 21.04
CA VAL B 96 -29.74 13.16 20.98
C VAL B 96 -29.17 12.97 22.39
N GLY B 97 -27.95 12.42 22.48
CA GLY B 97 -27.21 12.37 23.76
C GLY B 97 -26.81 13.81 24.17
N PRO B 98 -26.41 13.97 25.45
CA PRO B 98 -26.12 15.29 26.03
C PRO B 98 -24.86 15.93 25.44
N ASP B 99 -23.97 15.15 24.79
CA ASP B 99 -22.80 15.75 24.18
C ASP B 99 -22.96 16.13 22.71
N VAL B 100 -24.11 15.84 22.12
CA VAL B 100 -24.31 16.04 20.66
C VAL B 100 -24.39 17.51 20.35
N THR B 101 -23.68 17.97 19.32
CA THR B 101 -23.79 19.33 18.92
C THR B 101 -24.12 19.39 17.42
N LEU B 102 -24.06 18.26 16.71
CA LEU B 102 -24.16 18.31 15.23
C LEU B 102 -25.57 18.14 14.67
N PHE B 103 -26.46 17.54 15.47
CA PHE B 103 -27.82 17.32 15.04
C PHE B 103 -28.81 17.60 16.16
N ARG B 104 -30.06 17.84 15.78
CA ARG B 104 -31.12 17.83 16.77
C ARG B 104 -32.34 17.03 16.29
N PRO B 105 -33.28 16.72 17.24
CA PRO B 105 -34.43 15.88 16.90
C PRO B 105 -35.19 16.53 15.75
N GLY B 106 -35.68 15.70 14.82
CA GLY B 106 -36.28 16.24 13.60
C GLY B 106 -35.35 16.34 12.39
N ASP B 107 -34.02 16.41 12.59
CA ASP B 107 -33.07 16.48 11.44
C ASP B 107 -33.16 15.22 10.63
N GLU B 108 -33.01 15.35 9.32
CA GLU B 108 -33.03 14.15 8.46
C GLU B 108 -31.58 13.72 8.16
N VAL B 109 -31.27 12.41 8.31
CA VAL B 109 -29.86 12.03 8.27
C VAL B 109 -29.68 10.80 7.39
N PHE B 110 -28.46 10.61 6.87
CA PHE B 110 -28.09 9.27 6.32
C PHE B 110 -26.67 8.89 6.77
N TYR B 111 -26.41 7.59 6.91
CA TYR B 111 -25.18 7.16 7.52
C TYR B 111 -25.06 5.65 7.39
N ALA B 112 -23.87 5.16 7.73
CA ALA B 112 -23.65 3.70 7.68
C ALA B 112 -23.55 3.07 9.05
N GLY B 113 -22.90 3.76 9.97
CA GLY B 113 -22.68 3.25 11.36
C GLY B 113 -21.40 2.40 11.48
N SER B 114 -21.46 1.42 12.37
CA SER B 114 -20.26 0.71 12.90
C SER B 114 -20.54 -0.77 13.03
N ILE B 115 -19.56 -1.54 12.60
CA ILE B 115 -19.67 -3.00 12.64
C ILE B 115 -19.64 -3.58 14.05
N ILE B 116 -19.10 -2.85 14.99
CA ILE B 116 -19.10 -3.33 16.36
C ILE B 116 -20.32 -2.85 17.26
N ARG B 117 -21.39 -2.37 16.62
CA ARG B 117 -22.58 -1.85 17.33
C ARG B 117 -23.78 -2.43 16.62
N PRO B 118 -24.89 -2.71 17.35
CA PRO B 118 -26.08 -3.23 16.66
C PRO B 118 -26.39 -2.39 15.42
N GLY B 119 -26.95 -3.04 14.39
CA GLY B 119 -27.09 -2.30 13.11
C GLY B 119 -28.47 -1.70 12.86
N THR B 120 -28.69 -1.28 11.61
CA THR B 120 -29.80 -0.36 11.28
C THR B 120 -31.09 -1.09 11.03
N ASN B 121 -31.11 -2.42 11.12
CA ASN B 121 -32.33 -3.24 10.82
C ASN B 121 -33.36 -3.23 11.97
N ALA B 122 -33.72 -2.02 12.40
CA ALA B 122 -34.58 -1.86 13.59
C ALA B 122 -35.26 -0.51 13.50
N GLU B 123 -36.40 -0.32 14.15
CA GLU B 123 -37.08 0.97 14.04
C GLU B 123 -36.28 2.10 14.56
N PHE B 124 -35.47 1.86 15.62
CA PHE B 124 -34.61 2.93 16.09
C PHE B 124 -33.19 2.45 16.20
N HIS B 125 -32.23 3.34 16.00
CA HIS B 125 -30.83 2.90 15.95
C HIS B 125 -29.93 4.01 16.51
N LEU B 126 -29.00 3.60 17.39
CA LEU B 126 -28.00 4.51 17.92
C LEU B 126 -26.76 4.62 16.96
N VAL B 127 -26.28 5.83 16.79
CA VAL B 127 -25.09 6.02 15.92
C VAL B 127 -24.43 7.24 16.40
N ASP B 128 -23.08 7.28 16.33
CA ASP B 128 -22.31 8.40 16.78
C ASP B 128 -22.54 9.57 15.83
N GLU B 129 -22.72 10.80 16.37
CA GLU B 129 -23.11 11.97 15.55
C GLU B 129 -22.00 12.28 14.56
N ARG B 130 -20.77 11.95 14.92
CA ARG B 130 -19.61 12.27 14.05
C ARG B 130 -19.48 11.49 12.72
N ILE B 131 -20.20 10.40 12.58
CA ILE B 131 -20.14 9.63 11.30
C ILE B 131 -21.47 9.75 10.55
N VAL B 132 -22.24 10.80 10.89
CA VAL B 132 -23.60 10.94 10.31
C VAL B 132 -23.65 12.13 9.32
N GLY B 133 -24.34 11.97 8.19
CA GLY B 133 -24.45 13.05 7.20
C GLY B 133 -25.90 13.58 7.17
N ARG B 134 -26.05 14.84 6.78
CA ARG B 134 -27.38 15.35 6.44
C ARG B 134 -27.99 14.63 5.23
N LYS B 135 -29.19 14.08 5.36
CA LYS B 135 -29.86 13.43 4.20
C LYS B 135 -30.00 14.42 3.00
N PRO B 136 -29.67 13.99 1.79
CA PRO B 136 -29.94 14.96 0.66
C PRO B 136 -31.46 15.22 0.57
N LYS B 137 -31.82 16.48 0.44
CA LYS B 137 -33.23 16.84 0.36
C LYS B 137 -33.95 16.39 -0.90
N THR B 138 -33.21 16.25 -2.00
CA THR B 138 -33.76 15.88 -3.31
C THR B 138 -33.97 14.37 -3.44
N LEU B 139 -33.57 13.58 -2.42
CA LEU B 139 -33.81 12.13 -2.53
C LEU B 139 -34.88 11.69 -1.55
N ASP B 140 -35.66 10.67 -1.88
CA ASP B 140 -36.57 10.12 -0.89
C ASP B 140 -35.79 9.16 0.07
N TRP B 141 -36.47 8.59 1.04
CA TRP B 141 -35.77 7.81 2.07
C TRP B 141 -34.97 6.64 1.45
N ALA B 142 -35.56 5.94 0.50
CA ALA B 142 -34.88 4.76 -0.05
C ALA B 142 -33.72 5.19 -0.96
N GLU B 143 -33.89 6.23 -1.76
CA GLU B 143 -32.80 6.65 -2.60
C GLU B 143 -31.59 7.14 -1.80
N ALA B 144 -31.82 7.76 -0.65
CA ALA B 144 -30.72 8.22 0.22
C ALA B 144 -30.06 7.04 0.93
N ALA B 145 -30.85 6.05 1.34
CA ALA B 145 -30.33 4.91 2.07
C ALA B 145 -29.39 4.05 1.22
N ALA B 146 -29.54 4.13 -0.10
CA ALA B 146 -28.64 3.38 -1.03
C ALA B 146 -27.19 3.83 -0.83
N LEU B 147 -26.94 5.03 -0.28
CA LEU B 147 -25.64 5.67 -0.56
C LEU B 147 -24.50 5.63 0.50
N PRO B 148 -24.83 5.58 1.81
CA PRO B 148 -23.76 5.94 2.78
C PRO B 148 -22.55 5.00 2.82
N LEU B 149 -22.74 3.74 3.15
CA LEU B 149 -21.56 2.81 3.21
C LEU B 149 -20.67 2.86 1.93
N THR B 150 -21.32 2.79 0.78
CA THR B 150 -20.60 2.75 -0.48
C THR B 150 -19.98 4.09 -0.73
N SER B 151 -20.62 5.18 -0.31
CA SER B 151 -20.01 6.47 -0.56
C SER B 151 -18.77 6.65 0.30
N ILE B 152 -18.86 6.31 1.56
CA ILE B 152 -17.70 6.46 2.44
C ILE B 152 -16.53 5.55 1.91
N THR B 153 -16.86 4.33 1.50
CA THR B 153 -15.87 3.38 0.91
C THR B 153 -15.15 4.02 -0.27
N ALA B 154 -15.92 4.54 -1.25
CA ALA B 154 -15.29 5.14 -2.44
C ALA B 154 -14.51 6.40 -2.07
N TRP B 155 -15.11 7.28 -1.28
CA TRP B 155 -14.45 8.54 -0.99
C TRP B 155 -13.16 8.35 -0.21
N GLU B 156 -13.24 7.53 0.83
CA GLU B 156 -11.99 7.25 1.55
C GLU B 156 -10.95 6.52 0.58
N ALA B 157 -11.41 5.56 -0.22
CA ALA B 157 -10.46 4.92 -1.19
C ALA B 157 -9.71 5.92 -2.07
N PHE B 158 -10.46 6.91 -2.67
CA PHE B 158 -9.84 7.90 -3.58
C PHE B 158 -8.95 8.88 -2.82
N PHE B 159 -9.51 9.47 -1.77
CA PHE B 159 -8.88 10.60 -1.17
C PHE B 159 -8.05 10.34 0.06
N ASP B 160 -8.34 9.28 0.81
CA ASP B 160 -7.50 8.97 2.00
C ASP B 160 -6.47 7.84 1.71
N ARG B 161 -6.88 6.86 0.91
CA ARG B 161 -6.01 5.69 0.64
C ARG B 161 -5.12 5.91 -0.59
N LEU B 162 -5.73 5.86 -1.78
CA LEU B 162 -5.01 6.17 -3.02
C LEU B 162 -4.39 7.56 -3.02
N ASP B 163 -5.09 8.52 -2.43
CA ASP B 163 -4.65 9.97 -2.47
C ASP B 163 -4.46 10.37 -3.92
N VAL B 164 -5.54 10.27 -4.67
CA VAL B 164 -5.50 10.50 -6.11
C VAL B 164 -5.07 11.90 -6.54
N ASN B 165 -5.14 12.90 -5.67
CA ASN B 165 -4.66 14.25 -6.04
C ASN B 165 -3.13 14.38 -5.98
N LYS B 166 -2.46 13.35 -5.49
CA LYS B 166 -1.02 13.25 -5.64
C LYS B 166 -0.60 12.44 -6.89
N PRO B 167 -0.04 13.10 -7.94
CA PRO B 167 0.17 12.40 -9.23
C PRO B 167 1.22 11.32 -9.14
N VAL B 168 1.10 10.36 -10.04
CA VAL B 168 2.16 9.31 -10.19
C VAL B 168 2.95 9.76 -11.42
N PRO B 169 4.26 10.03 -11.27
CA PRO B 169 5.08 10.60 -12.39
C PRO B 169 5.10 9.68 -13.59
N GLY B 170 4.76 10.24 -14.74
CA GLY B 170 4.70 9.46 -16.00
C GLY B 170 3.43 8.65 -16.24
N ALA B 171 2.61 8.38 -15.21
CA ALA B 171 1.40 7.54 -15.40
C ALA B 171 0.41 8.29 -16.25
N ALA B 172 -0.54 7.55 -16.82
CA ALA B 172 -1.75 8.23 -17.28
C ALA B 172 -2.54 8.72 -16.05
N PRO B 173 -3.06 9.96 -16.08
CA PRO B 173 -3.92 10.50 -15.03
C PRO B 173 -5.32 9.87 -15.13
N ALA B 174 -5.38 8.59 -14.73
CA ALA B 174 -6.53 7.73 -15.03
C ALA B 174 -6.68 6.77 -13.88
N ILE B 175 -7.92 6.30 -13.63
CA ILE B 175 -8.16 5.27 -12.63
C ILE B 175 -9.01 4.22 -13.33
N LEU B 176 -8.63 2.97 -13.05
CA LEU B 176 -9.47 1.89 -13.45
C LEU B 176 -10.25 1.36 -12.23
N ILE B 177 -11.57 1.35 -12.37
CA ILE B 177 -12.47 0.86 -11.33
C ILE B 177 -12.98 -0.53 -11.82
N VAL B 178 -12.53 -1.58 -11.14
CA VAL B 178 -12.94 -2.94 -11.53
C VAL B 178 -14.24 -3.27 -10.81
N GLY B 179 -15.30 -3.61 -11.56
CA GLY B 179 -16.66 -3.84 -11.04
C GLY B 179 -17.41 -2.49 -10.96
N GLY B 180 -17.55 -1.78 -12.07
CA GLY B 180 -18.15 -0.43 -12.02
C GLY B 180 -19.65 -0.50 -11.77
N ALA B 181 -20.32 -1.66 -11.95
CA ALA B 181 -21.82 -1.67 -11.85
C ALA B 181 -22.36 -2.15 -10.49
N GLY B 182 -21.53 -2.62 -9.59
CA GLY B 182 -22.02 -3.12 -8.34
C GLY B 182 -22.21 -2.00 -7.29
N GLY B 183 -22.43 -2.36 -6.01
CA GLY B 183 -22.77 -1.33 -4.96
C GLY B 183 -21.72 -0.22 -4.90
N VAL B 184 -20.47 -0.60 -4.65
CA VAL B 184 -19.45 0.41 -4.45
C VAL B 184 -19.13 1.06 -5.83
N GLY B 185 -19.01 0.23 -6.86
CA GLY B 185 -18.58 0.74 -8.20
C GLY B 185 -19.51 1.86 -8.68
N SER B 186 -20.81 1.71 -8.45
CA SER B 186 -21.80 2.54 -9.12
C SER B 186 -21.78 3.91 -8.47
N ILE B 187 -21.29 4.02 -7.21
CA ILE B 187 -21.09 5.38 -6.65
C ILE B 187 -19.63 5.86 -6.89
N ALA B 188 -18.69 4.91 -6.82
CA ALA B 188 -17.28 5.26 -7.04
C ALA B 188 -17.07 5.88 -8.43
N VAL B 189 -17.74 5.37 -9.46
CA VAL B 189 -17.52 5.95 -10.83
C VAL B 189 -17.99 7.44 -10.84
N GLN B 190 -19.13 7.71 -10.22
CA GLN B 190 -19.66 9.08 -10.23
C GLN B 190 -18.75 9.99 -9.44
N ILE B 191 -18.33 9.53 -8.24
CA ILE B 191 -17.42 10.36 -7.44
C ILE B 191 -16.09 10.63 -8.17
N ALA B 192 -15.52 9.59 -8.80
CA ALA B 192 -14.28 9.80 -9.63
C ALA B 192 -14.56 10.81 -10.77
N ARG B 193 -15.71 10.73 -11.42
CA ARG B 193 -16.01 11.64 -12.53
C ARG B 193 -16.28 13.07 -12.03
N GLN B 194 -16.97 13.24 -10.90
CA GLN B 194 -17.37 14.60 -10.47
C GLN B 194 -16.40 15.30 -9.56
N ARG B 195 -15.51 14.54 -8.89
CA ARG B 195 -14.59 15.10 -7.90
C ARG B 195 -13.11 14.89 -8.17
N THR B 196 -12.74 14.39 -9.33
CA THR B 196 -11.28 14.35 -9.64
C THR B 196 -11.18 14.77 -11.06
N ASP B 197 -9.97 15.01 -11.53
CA ASP B 197 -9.75 15.26 -12.96
C ASP B 197 -9.29 14.00 -13.69
N LEU B 198 -9.50 12.81 -13.09
CA LEU B 198 -8.97 11.58 -13.72
C LEU B 198 -9.79 11.16 -14.88
N THR B 199 -9.13 10.51 -15.83
CA THR B 199 -9.89 9.74 -16.80
C THR B 199 -10.43 8.47 -16.12
N VAL B 200 -11.77 8.24 -16.18
CA VAL B 200 -12.35 7.12 -15.43
C VAL B 200 -12.61 5.93 -16.36
N ILE B 201 -11.97 4.82 -16.08
CA ILE B 201 -12.14 3.62 -16.84
C ILE B 201 -12.82 2.63 -15.90
N ALA B 202 -13.98 2.11 -16.28
CA ALA B 202 -14.71 1.19 -15.39
C ALA B 202 -15.02 -0.07 -16.15
N THR B 203 -15.34 -1.15 -15.44
CA THR B 203 -15.51 -2.43 -16.11
C THR B 203 -16.92 -2.90 -15.87
N ALA B 204 -17.47 -3.59 -16.86
CA ALA B 204 -18.78 -4.24 -16.72
C ALA B 204 -18.84 -5.27 -17.85
N SER B 205 -19.67 -6.28 -17.74
CA SER B 205 -19.58 -7.34 -18.74
C SER B 205 -20.84 -7.68 -19.48
N ARG B 206 -21.96 -6.98 -19.27
CA ARG B 206 -23.07 -7.11 -20.25
C ARG B 206 -23.35 -5.76 -20.87
N PRO B 207 -23.84 -5.71 -22.12
CA PRO B 207 -24.00 -4.46 -22.81
C PRO B 207 -24.84 -3.49 -22.03
N GLU B 208 -25.88 -3.99 -21.37
CA GLU B 208 -26.73 -3.13 -20.56
C GLU B 208 -26.02 -2.57 -19.30
N THR B 209 -25.21 -3.38 -18.59
CA THR B 209 -24.52 -2.85 -17.44
C THR B 209 -23.36 -1.95 -17.87
N GLN B 210 -22.79 -2.20 -19.04
CA GLN B 210 -21.79 -1.28 -19.67
C GLN B 210 -22.39 0.09 -19.94
N GLU B 211 -23.61 0.11 -20.48
CA GLU B 211 -24.30 1.37 -20.78
C GLU B 211 -24.64 2.17 -19.54
N TRP B 212 -25.03 1.48 -18.51
CA TRP B 212 -25.32 2.12 -17.30
C TRP B 212 -24.07 2.67 -16.62
N VAL B 213 -23.01 1.88 -16.55
CA VAL B 213 -21.74 2.43 -15.95
C VAL B 213 -21.32 3.67 -16.74
N LYS B 214 -21.47 3.59 -18.05
CA LYS B 214 -21.07 4.73 -18.86
C LYS B 214 -21.95 5.97 -18.49
N SER B 215 -23.26 5.75 -18.33
CA SER B 215 -24.15 6.84 -17.92
C SER B 215 -23.83 7.39 -16.54
N LEU B 216 -23.17 6.62 -15.66
CA LEU B 216 -22.84 7.12 -14.33
C LEU B 216 -21.60 7.98 -14.40
N GLY B 217 -20.93 8.02 -15.53
CA GLY B 217 -19.79 8.95 -15.65
C GLY B 217 -18.46 8.32 -16.07
N ALA B 218 -18.37 7.00 -16.27
CA ALA B 218 -17.11 6.46 -16.76
C ALA B 218 -16.78 7.00 -18.15
N HIS B 219 -15.55 7.44 -18.38
CA HIS B 219 -15.14 7.90 -19.73
C HIS B 219 -15.00 6.74 -20.70
N HIS B 220 -14.61 5.60 -20.18
CA HIS B 220 -14.40 4.40 -20.99
C HIS B 220 -14.91 3.21 -20.19
N VAL B 221 -15.51 2.24 -20.83
CA VAL B 221 -15.99 1.08 -20.13
C VAL B 221 -15.40 -0.15 -20.81
N ILE B 222 -14.70 -0.98 -20.08
CA ILE B 222 -14.18 -2.19 -20.67
C ILE B 222 -14.79 -3.44 -20.05
N ASP B 223 -14.53 -4.59 -20.69
CA ASP B 223 -15.27 -5.78 -20.42
C ASP B 223 -14.37 -6.67 -19.57
N HIS B 224 -14.76 -6.82 -18.32
CA HIS B 224 -13.96 -7.60 -17.39
C HIS B 224 -14.09 -9.10 -17.61
N SER B 225 -14.86 -9.56 -18.62
CA SER B 225 -14.76 -10.95 -19.00
C SER B 225 -13.53 -11.18 -19.90
N LYS B 226 -12.86 -10.10 -20.25
CA LYS B 226 -11.62 -10.23 -21.02
C LYS B 226 -10.39 -9.90 -20.14
N PRO B 227 -9.19 -10.36 -20.50
CA PRO B 227 -7.99 -10.00 -19.71
C PRO B 227 -7.92 -8.39 -19.70
N LEU B 228 -7.88 -7.78 -18.51
CA LEU B 228 -8.02 -6.31 -18.37
C LEU B 228 -6.84 -5.57 -19.00
N ALA B 229 -5.62 -6.14 -18.90
CA ALA B 229 -4.50 -5.31 -19.31
C ALA B 229 -4.53 -4.97 -20.84
N ALA B 230 -4.73 -6.00 -21.66
CA ALA B 230 -4.86 -5.77 -23.09
C ALA B 230 -6.03 -4.75 -23.41
N GLU B 231 -7.18 -4.88 -22.71
CA GLU B 231 -8.27 -3.93 -22.84
C GLU B 231 -7.87 -2.47 -22.55
N VAL B 232 -7.15 -2.25 -21.47
CA VAL B 232 -6.70 -0.88 -21.13
C VAL B 232 -5.64 -0.41 -22.13
N ALA B 233 -4.73 -1.31 -22.55
CA ALA B 233 -3.63 -0.89 -23.44
C ALA B 233 -4.25 -0.38 -24.79
N ALA B 234 -5.32 -1.04 -25.26
CA ALA B 234 -6.00 -0.72 -26.51
C ALA B 234 -6.63 0.70 -26.55
N LEU B 235 -6.95 1.26 -25.39
CA LEU B 235 -7.46 2.64 -25.28
C LEU B 235 -6.42 3.63 -25.68
N GLY B 236 -5.13 3.24 -25.66
CA GLY B 236 -4.07 4.14 -26.10
C GLY B 236 -3.86 5.37 -25.24
N LEU B 237 -4.14 5.25 -23.96
CA LEU B 237 -3.94 6.32 -23.06
C LEU B 237 -2.70 6.21 -22.21
N GLY B 238 -1.92 5.14 -22.34
CA GLY B 238 -0.88 4.98 -21.34
C GLY B 238 -1.33 4.15 -20.14
N ALA B 239 -0.52 4.15 -19.10
CA ALA B 239 -0.76 3.20 -18.02
C ALA B 239 -1.41 3.98 -16.85
N PRO B 240 -2.57 3.53 -16.38
CA PRO B 240 -3.28 4.26 -15.32
C PRO B 240 -2.44 4.33 -14.03
N ALA B 241 -2.47 5.50 -13.37
CA ALA B 241 -1.81 5.69 -12.07
C ALA B 241 -2.42 4.86 -11.02
N PHE B 242 -3.75 4.71 -11.12
CA PHE B 242 -4.60 4.18 -10.04
C PHE B 242 -5.50 3.03 -10.45
N VAL B 243 -5.66 2.09 -9.55
CA VAL B 243 -6.60 1.02 -9.78
C VAL B 243 -7.38 0.83 -8.50
N PHE B 244 -8.69 0.67 -8.62
CA PHE B 244 -9.51 0.41 -7.45
C PHE B 244 -10.35 -0.78 -7.72
N SER B 245 -10.15 -1.88 -6.99
CA SER B 245 -10.85 -3.10 -7.34
C SER B 245 -11.93 -3.41 -6.32
N THR B 246 -13.16 -3.60 -6.80
CA THR B 246 -14.30 -3.86 -5.86
C THR B 246 -14.67 -5.34 -5.79
N THR B 247 -14.12 -6.16 -6.68
CA THR B 247 -14.51 -7.57 -6.75
C THR B 247 -13.56 -8.37 -7.62
N HIS B 248 -13.51 -9.70 -7.39
CA HIS B 248 -12.68 -10.57 -8.22
C HIS B 248 -11.21 -10.20 -8.34
N THR B 249 -10.65 -9.72 -7.24
CA THR B 249 -9.27 -9.30 -7.25
C THR B 249 -8.30 -10.43 -7.61
N ASP B 250 -8.53 -11.65 -7.13
CA ASP B 250 -7.61 -12.73 -7.48
C ASP B 250 -7.59 -13.08 -8.95
N LYS B 251 -8.73 -12.97 -9.60
CA LYS B 251 -8.76 -13.25 -11.05
C LYS B 251 -8.03 -12.16 -11.84
N HIS B 252 -8.10 -10.90 -11.33
CA HIS B 252 -7.56 -9.73 -12.09
C HIS B 252 -6.21 -9.27 -11.63
N ALA B 253 -5.66 -9.87 -10.55
CA ALA B 253 -4.46 -9.25 -9.93
C ALA B 253 -3.27 -9.15 -10.85
N ALA B 254 -3.01 -10.22 -11.60
CA ALA B 254 -1.91 -10.19 -12.52
C ALA B 254 -2.09 -9.15 -13.69
N GLU B 255 -3.30 -9.05 -14.18
CA GLU B 255 -3.63 -8.12 -15.28
C GLU B 255 -3.46 -6.69 -14.72
N ILE B 256 -3.90 -6.48 -13.46
CA ILE B 256 -3.73 -5.15 -12.77
C ILE B 256 -2.28 -4.81 -12.67
N ALA B 257 -1.45 -5.75 -12.23
CA ALA B 257 0.02 -5.49 -12.16
C ALA B 257 0.62 -5.20 -13.55
N ASP B 258 0.10 -5.84 -14.59
CA ASP B 258 0.57 -5.59 -15.96
C ASP B 258 0.14 -4.19 -16.46
N LEU B 259 -1.07 -3.76 -16.15
CA LEU B 259 -1.60 -2.52 -16.82
C LEU B 259 -1.25 -1.27 -16.01
N ILE B 260 -0.99 -1.43 -14.70
CA ILE B 260 -0.80 -0.23 -13.89
C ILE B 260 0.59 0.46 -14.21
N ALA B 261 0.67 1.77 -13.94
CA ALA B 261 1.92 2.53 -14.16
C ALA B 261 2.93 2.05 -13.10
N PRO B 262 4.22 2.06 -13.45
CA PRO B 262 5.26 2.04 -12.39
C PRO B 262 5.04 3.08 -11.34
N GLN B 263 5.29 2.67 -10.07
CA GLN B 263 5.06 3.54 -8.93
C GLN B 263 3.59 3.95 -8.74
N GLY B 264 2.67 3.24 -9.40
CA GLY B 264 1.24 3.45 -9.16
C GLY B 264 0.70 2.92 -7.85
N ARG B 265 -0.61 3.05 -7.64
CA ARG B 265 -1.23 2.67 -6.34
C ARG B 265 -2.52 1.92 -6.58
N PHE B 266 -2.69 0.81 -5.85
CA PHE B 266 -3.80 -0.09 -6.12
C PHE B 266 -4.55 -0.22 -4.78
N CYS B 267 -5.83 0.07 -4.79
CA CYS B 267 -6.68 -0.13 -3.57
C CYS B 267 -7.72 -1.23 -3.86
N LEU B 268 -7.91 -2.16 -2.92
CA LEU B 268 -8.91 -3.15 -3.08
C LEU B 268 -9.83 -3.15 -1.88
N ILE B 269 -11.10 -3.51 -2.08
CA ILE B 269 -11.99 -3.67 -0.94
C ILE B 269 -12.58 -5.06 -0.76
N ASP B 270 -12.29 -5.97 -1.67
CA ASP B 270 -12.88 -7.32 -1.59
C ASP B 270 -11.97 -8.19 -0.74
N ASP B 271 -12.17 -9.48 -0.71
CA ASP B 271 -11.42 -10.29 0.23
C ASP B 271 -10.80 -11.44 -0.58
N PRO B 272 -9.84 -11.17 -1.49
CA PRO B 272 -9.24 -12.30 -2.22
C PRO B 272 -8.60 -13.29 -1.23
N SER B 273 -8.63 -14.58 -1.54
CA SER B 273 -8.15 -15.51 -0.52
C SER B 273 -6.71 -15.90 -0.80
N ALA B 274 -6.16 -15.53 -1.98
CA ALA B 274 -4.70 -15.80 -2.17
C ALA B 274 -3.97 -14.69 -2.95
N PHE B 275 -4.06 -13.46 -2.50
CA PHE B 275 -3.53 -12.33 -3.24
C PHE B 275 -2.05 -12.34 -3.19
N ASP B 276 -1.36 -12.26 -4.34
CA ASP B 276 0.12 -12.36 -4.34
C ASP B 276 0.75 -10.95 -4.45
N ILE B 277 1.12 -10.38 -3.30
CA ILE B 277 1.70 -9.00 -3.34
C ILE B 277 2.99 -8.93 -4.20
N MSE B 278 3.66 -10.05 -4.43
CA MSE B 278 4.88 -10.06 -5.19
C MSE B 278 4.67 -9.68 -6.65
O MSE B 278 5.59 -9.31 -7.29
CB MSE B 278 5.70 -11.32 -4.97
CG MSE B 278 6.06 -11.54 -3.49
SE MSE B 278 7.25 -10.11 -2.79
CE MSE B 278 8.63 -10.37 -4.10
N LEU B 279 3.46 -9.78 -7.15
CA LEU B 279 3.17 -9.35 -8.49
C LEU B 279 3.49 -7.83 -8.66
N PHE B 280 3.39 -7.11 -7.56
CA PHE B 280 3.51 -5.66 -7.54
C PHE B 280 4.90 -5.10 -7.22
N LYS B 281 5.83 -5.99 -7.00
CA LYS B 281 7.13 -5.58 -6.50
C LYS B 281 7.95 -4.81 -7.57
N ARG B 282 7.99 -5.38 -8.78
CA ARG B 282 8.85 -4.90 -9.87
C ARG B 282 8.52 -3.43 -10.20
N LYS B 283 7.23 -3.12 -10.16
CA LYS B 283 6.73 -1.69 -10.31
C LYS B 283 6.69 -0.84 -9.07
N ALA B 284 7.21 -1.38 -7.96
CA ALA B 284 7.13 -0.71 -6.67
C ALA B 284 5.74 -0.17 -6.40
N VAL B 285 4.73 -0.99 -6.70
CA VAL B 285 3.30 -0.52 -6.50
C VAL B 285 2.83 -0.70 -5.05
N SER B 286 2.12 0.29 -4.49
CA SER B 286 1.56 0.12 -3.16
C SER B 286 0.16 -0.50 -3.23
N ILE B 287 -0.17 -1.28 -2.20
CA ILE B 287 -1.47 -1.91 -2.15
C ILE B 287 -2.20 -1.39 -0.93
N HIS B 288 -3.39 -0.81 -1.15
CA HIS B 288 -4.08 -0.11 -0.08
C HIS B 288 -5.40 -0.78 0.28
N HIS B 289 -5.61 -1.14 1.53
CA HIS B 289 -6.94 -1.59 1.90
C HIS B 289 -7.86 -0.39 2.11
N GLU B 290 -9.17 -0.53 1.84
CA GLU B 290 -10.10 0.50 2.33
C GLU B 290 -11.12 -0.36 3.04
N LEU B 291 -11.35 0.03 4.30
CA LEU B 291 -12.38 -0.57 5.14
C LEU B 291 -13.06 0.63 5.86
N MSE B 292 -14.31 0.91 5.48
CA MSE B 292 -14.99 2.05 6.08
C MSE B 292 -15.33 1.85 7.56
O MSE B 292 -15.59 2.82 8.27
CB MSE B 292 -16.20 2.57 5.26
CG MSE B 292 -17.14 1.50 4.78
SE MSE B 292 -18.14 0.62 6.29
CE MSE B 292 -19.15 2.23 6.78
N PHE B 293 -15.25 0.60 8.03
CA PHE B 293 -15.38 0.33 9.50
C PHE B 293 -14.20 0.73 10.39
N THR B 294 -13.05 1.03 9.79
CA THR B 294 -11.82 1.15 10.57
C THR B 294 -11.91 2.36 11.48
N ARG B 295 -12.29 3.47 10.89
CA ARG B 295 -12.39 4.72 11.65
C ARG B 295 -13.34 4.62 12.89
N PRO B 296 -14.61 4.16 12.68
CA PRO B 296 -15.41 4.05 13.91
C PRO B 296 -15.05 2.89 14.81
N MSE B 297 -14.46 1.85 14.28
CA MSE B 297 -14.13 0.75 15.14
C MSE B 297 -13.04 1.14 16.15
O MSE B 297 -13.08 0.72 17.31
CB MSE B 297 -13.64 -0.49 14.33
CG MSE B 297 -12.84 -1.39 15.17
SE MSE B 297 -12.34 -3.04 14.16
CE MSE B 297 -13.96 -3.96 13.81
N PHE B 298 -12.02 1.87 15.66
CA PHE B 298 -10.90 2.26 16.54
C PHE B 298 -11.08 3.65 17.16
N GLY B 299 -12.12 4.38 16.76
CA GLY B 299 -12.35 5.69 17.28
C GLY B 299 -11.16 6.60 16.96
N THR B 300 -10.69 6.58 15.71
CA THR B 300 -9.54 7.43 15.32
C THR B 300 -9.88 8.93 15.36
N PRO B 301 -8.86 9.83 15.45
CA PRO B 301 -9.12 11.25 15.61
C PRO B 301 -9.75 11.85 14.35
N ASP B 302 -9.58 11.19 13.19
CA ASP B 302 -10.24 11.67 11.96
C ASP B 302 -11.60 10.94 11.71
N MSE B 303 -12.11 10.20 12.70
CA MSE B 303 -13.41 9.55 12.53
C MSE B 303 -14.53 10.49 12.04
O MSE B 303 -15.40 10.10 11.25
CB MSE B 303 -13.83 8.89 13.80
CG MSE B 303 -15.12 8.13 13.69
SE MSE B 303 -15.68 7.39 15.49
CE MSE B 303 -16.14 9.11 16.35
N SER B 304 -14.55 11.74 12.54
CA SER B 304 -15.57 12.73 12.09
C SER B 304 -15.47 13.15 10.59
N GLU B 305 -14.36 12.78 9.91
CA GLU B 305 -14.34 12.90 8.47
C GLU B 305 -15.46 12.13 7.72
N GLN B 306 -15.95 11.03 8.29
CA GLN B 306 -17.04 10.23 7.68
C GLN B 306 -18.34 11.02 7.64
N GLY B 307 -18.71 11.65 8.76
CA GLY B 307 -19.89 12.56 8.74
C GLY B 307 -19.65 13.71 7.78
N ARG B 308 -18.45 14.26 7.80
CA ARG B 308 -18.19 15.38 6.86
C ARG B 308 -18.22 15.07 5.36
N LEU B 309 -17.67 13.90 5.00
CA LEU B 309 -17.74 13.51 3.63
C LEU B 309 -19.16 13.18 3.24
N LEU B 310 -19.94 12.57 4.14
CA LEU B 310 -21.36 12.33 3.83
C LEU B 310 -22.12 13.65 3.55
N ASN B 311 -21.74 14.69 4.30
CA ASN B 311 -22.34 16.04 4.09
C ASN B 311 -21.89 16.51 2.76
N ASP B 312 -20.65 16.19 2.37
CA ASP B 312 -20.21 16.68 1.02
C ASP B 312 -20.95 15.93 -0.11
N VAL B 313 -21.13 14.63 0.10
CA VAL B 313 -21.87 13.83 -0.83
C VAL B 313 -23.31 14.36 -0.93
N SER B 314 -23.95 14.58 0.24
CA SER B 314 -25.29 15.09 0.33
C SER B 314 -25.44 16.39 -0.50
N ARG B 315 -24.48 17.31 -0.34
CA ARG B 315 -24.53 18.58 -1.11
C ARG B 315 -24.38 18.30 -2.63
N LEU B 316 -23.46 17.37 -3.00
CA LEU B 316 -23.30 17.05 -4.40
C LEU B 316 -24.57 16.41 -4.99
N VAL B 317 -25.24 15.55 -4.22
CA VAL B 317 -26.52 14.97 -4.66
C VAL B 317 -27.55 16.13 -4.93
N ASP B 318 -27.65 17.06 -3.96
CA ASP B 318 -28.67 18.11 -4.08
C ASP B 318 -28.35 19.08 -5.20
N GLU B 319 -27.08 19.20 -5.57
CA GLU B 319 -26.69 20.02 -6.71
C GLU B 319 -26.92 19.22 -8.01
N GLY B 320 -27.34 17.96 -7.90
CA GLY B 320 -27.47 17.18 -9.15
C GLY B 320 -26.19 16.59 -9.72
N ARG B 321 -25.07 16.66 -8.99
CA ARG B 321 -23.80 16.14 -9.51
C ARG B 321 -23.65 14.61 -9.28
N LEU B 322 -24.23 14.12 -8.20
CA LEU B 322 -24.26 12.73 -7.91
C LEU B 322 -25.71 12.32 -7.86
N ARG B 323 -25.96 11.09 -8.21
CA ARG B 323 -27.27 10.53 -8.05
C ARG B 323 -27.36 9.13 -7.43
N THR B 324 -28.53 8.83 -6.92
CA THR B 324 -28.75 7.60 -6.19
C THR B 324 -28.42 6.40 -7.04
N THR B 325 -27.89 5.39 -6.39
CA THR B 325 -27.66 4.12 -7.04
C THR B 325 -28.72 3.04 -6.77
N LEU B 326 -29.83 3.43 -6.13
CA LEU B 326 -30.97 2.55 -5.90
C LEU B 326 -31.42 1.93 -7.23
N THR B 327 -31.45 0.60 -7.29
CA THR B 327 -32.07 -0.06 -8.49
C THR B 327 -33.19 -1.02 -8.12
N ASN B 328 -33.32 -1.36 -6.84
CA ASN B 328 -34.30 -2.36 -6.38
C ASN B 328 -34.86 -1.86 -5.04
N ARG B 329 -36.18 -1.60 -4.93
CA ARG B 329 -36.76 -1.11 -3.69
C ARG B 329 -37.78 -2.10 -3.16
N LEU B 330 -37.67 -2.48 -1.89
CA LEU B 330 -38.60 -3.44 -1.28
C LEU B 330 -39.24 -2.78 -0.06
N SER B 331 -40.42 -3.28 0.36
CA SER B 331 -41.05 -2.77 1.57
C SER B 331 -42.09 -3.71 2.12
N PRO B 332 -42.25 -3.78 3.46
CA PRO B 332 -41.53 -3.06 4.45
C PRO B 332 -40.26 -3.80 4.90
N ILE B 333 -39.54 -3.19 5.83
CA ILE B 333 -38.37 -3.86 6.43
C ILE B 333 -38.85 -4.96 7.34
N ASN B 334 -38.76 -6.21 6.89
CA ASN B 334 -39.12 -7.37 7.74
C ASN B 334 -38.20 -8.48 7.34
N ALA B 335 -38.29 -9.64 7.96
CA ALA B 335 -37.41 -10.74 7.61
C ALA B 335 -37.59 -11.24 6.18
N ALA B 336 -38.84 -11.35 5.67
CA ALA B 336 -39.06 -11.90 4.35
C ALA B 336 -38.34 -11.02 3.31
N ASN B 337 -38.47 -9.70 3.44
CA ASN B 337 -37.83 -8.80 2.47
C ASN B 337 -36.27 -8.67 2.65
N LEU B 338 -35.82 -8.70 3.90
CA LEU B 338 -34.36 -8.75 4.15
C LEU B 338 -33.75 -10.05 3.61
N LYS B 339 -34.46 -11.19 3.73
CA LYS B 339 -33.94 -12.43 3.18
C LYS B 339 -33.81 -12.34 1.69
N GLN B 340 -34.85 -11.82 1.05
CA GLN B 340 -34.78 -11.66 -0.37
C GLN B 340 -33.61 -10.71 -0.80
N ALA B 341 -33.45 -9.59 -0.09
CA ALA B 341 -32.39 -8.64 -0.41
C ALA B 341 -30.98 -9.26 -0.19
N HIS B 342 -30.81 -9.94 0.95
CA HIS B 342 -29.57 -10.74 1.16
C HIS B 342 -29.25 -11.77 0.04
N ALA B 343 -30.24 -12.57 -0.35
CA ALA B 343 -30.03 -13.54 -1.45
C ALA B 343 -29.62 -12.79 -2.73
N LEU B 344 -30.22 -11.65 -2.98
CA LEU B 344 -29.85 -10.87 -4.18
C LEU B 344 -28.39 -10.35 -4.08
N VAL B 345 -27.99 -9.84 -2.91
CA VAL B 345 -26.62 -9.38 -2.79
C VAL B 345 -25.66 -10.60 -2.85
N GLU B 346 -26.00 -11.70 -2.19
CA GLU B 346 -25.15 -12.90 -2.25
C GLU B 346 -24.94 -13.34 -3.73
N SER B 347 -25.91 -13.08 -4.60
CA SER B 347 -25.84 -13.71 -5.94
C SER B 347 -24.72 -13.08 -6.75
N GLY B 348 -24.37 -11.86 -6.40
CA GLY B 348 -23.30 -11.19 -7.09
C GLY B 348 -23.75 -10.68 -8.46
N THR B 349 -25.02 -10.83 -8.81
CA THR B 349 -25.42 -10.39 -10.14
C THR B 349 -26.20 -9.09 -10.21
N ALA B 350 -26.39 -8.39 -9.10
CA ALA B 350 -27.34 -7.24 -9.14
C ALA B 350 -26.58 -5.99 -9.49
N ARG B 351 -27.17 -5.10 -10.28
CA ARG B 351 -26.47 -3.85 -10.46
C ARG B 351 -26.96 -2.82 -9.39
N GLY B 352 -26.09 -1.94 -8.95
CA GLY B 352 -26.53 -0.90 -8.03
C GLY B 352 -26.94 -1.41 -6.67
N LYS B 353 -27.93 -0.76 -6.03
CA LYS B 353 -28.19 -1.01 -4.60
C LYS B 353 -29.66 -1.47 -4.42
N VAL B 354 -29.90 -2.42 -3.52
CA VAL B 354 -31.24 -2.81 -3.09
C VAL B 354 -31.51 -2.19 -1.72
N VAL B 355 -32.68 -1.52 -1.60
CA VAL B 355 -33.03 -0.79 -0.37
C VAL B 355 -34.38 -1.34 0.08
N ILE B 356 -34.58 -1.42 1.40
CA ILE B 356 -35.84 -1.90 1.94
C ILE B 356 -36.32 -0.71 2.79
N GLU B 357 -37.58 -0.29 2.61
CA GLU B 357 -38.03 0.91 3.38
C GLU B 357 -39.35 0.66 4.12
N GLY B 358 -39.50 1.39 5.24
CA GLY B 358 -40.74 1.37 6.05
C GLY B 358 -40.80 0.24 7.05
N PHE B 359 -41.64 0.42 8.08
CA PHE B 359 -42.03 -0.69 8.94
C PHE B 359 -43.55 -0.77 8.91
N GLY B 360 -44.07 -1.97 8.88
CA GLY B 360 -45.49 -2.22 8.86
C GLY B 360 -45.78 -3.61 8.33
N LEU B 361 -46.91 -3.70 7.63
CA LEU B 361 -47.38 -4.98 7.11
C LEU B 361 -47.27 -5.08 5.59
#